data_3W9F
#
_entry.id   3W9F
#
_cell.length_a   105.094
_cell.length_b   48.343
_cell.length_c   132.145
_cell.angle_alpha   90.000
_cell.angle_beta   101.440
_cell.angle_gamma   90.000
#
_symmetry.space_group_name_H-M   'P 1 21 1'
#
loop_
_entity.id
_entity.type
_entity.pdbx_description
1 polymer 'Vanilloid receptor-related osmotically activated channel protein'
2 non-polymer D-MYO-INOSITOL-1,4,5-TRIPHOSPHATE
3 water water
#
_entity_poly.entity_id   1
_entity_poly.type   'polypeptide(L)'
_entity_poly.pdbx_seq_one_letter_code
;MKVFNRPILFDIVSRGSPDGLEGLLSFLLTHKKRLTDEEFREPSTGKTCLPKALLNLSAGRNDTIPILLDIAEKTGNMRE
FINSPFRDVYYRGQTALHIAIERRCKHYVELLVEKGADVHAQARGRFFQPKDEGGYFYFGELPLSLAACTNQPHIVHYLT
ENGHKQADLRRQDSRGNTVLHALVAIADNTRENTKFVTKMYDLLLIKCAKLFPDTNLEALLNNDGLSPLMMAAKTGKIGI
FQHIIRREIADAAAHHHHHH
;
_entity_poly.pdbx_strand_id   A,B,C,D
#
# COMPACT_ATOMS: atom_id res chain seq x y z
N MET A 1 -10.70 -4.55 7.78
CA MET A 1 -11.01 -5.28 9.01
C MET A 1 -10.55 -4.51 10.23
N LYS A 2 -9.87 -5.19 11.14
CA LYS A 2 -9.19 -4.52 12.25
C LYS A 2 -8.30 -3.41 11.70
N VAL A 3 -8.36 -2.26 12.36
CA VAL A 3 -7.56 -1.10 11.99
C VAL A 3 -6.44 -0.89 12.99
N PHE A 4 -5.22 -0.57 12.51
CA PHE A 4 -4.11 -0.30 13.41
C PHE A 4 -3.58 1.09 13.14
N ASN A 5 -3.18 1.80 14.21
CA ASN A 5 -2.45 3.06 14.09
C ASN A 5 -1.42 3.11 15.19
N ARG A 6 -0.69 4.23 15.30
CA ARG A 6 0.41 4.27 16.26
C ARG A 6 -0.05 4.11 17.73
N PRO A 7 -1.03 4.92 18.17
CA PRO A 7 -1.47 4.71 19.57
C PRO A 7 -2.02 3.30 19.82
N ILE A 8 -2.72 2.72 18.86
CA ILE A 8 -3.23 1.35 19.05
C ILE A 8 -2.07 0.36 19.13
N LEU A 9 -1.19 0.43 18.15
CA LEU A 9 -0.01 -0.44 18.12
C LEU A 9 0.81 -0.33 19.38
N PHE A 10 1.11 0.89 19.80
CA PHE A 10 1.90 1.10 21.02
C PHE A 10 1.15 0.72 22.31
N ASP A 11 -0.17 0.90 22.35
CA ASP A 11 -0.88 0.38 23.50
C ASP A 11 -0.68 -1.14 23.61
N ILE A 12 -0.88 -1.87 22.52
CA ILE A 12 -0.77 -3.35 22.51
C ILE A 12 0.63 -3.76 22.92
N VAL A 13 1.62 -3.12 22.33
CA VAL A 13 2.98 -3.51 22.61
C VAL A 13 3.44 -3.15 24.01
N SER A 14 3.03 -1.99 24.51
CA SER A 14 3.45 -1.64 25.85
C SER A 14 2.77 -2.51 26.90
N ARG A 15 1.55 -3.02 26.61
CA ARG A 15 0.93 -3.95 27.56
C ARG A 15 1.53 -5.36 27.39
N GLY A 16 2.13 -5.60 26.22
CA GLY A 16 2.74 -6.89 25.92
C GLY A 16 1.69 -7.92 25.57
N SER A 17 0.71 -7.54 24.75
CA SER A 17 -0.39 -8.45 24.41
C SER A 17 -0.23 -9.07 23.04
N PRO A 18 0.21 -10.33 22.98
CA PRO A 18 0.36 -10.91 21.65
C PRO A 18 -0.95 -11.05 20.91
N ASP A 19 -2.04 -11.30 21.62
CA ASP A 19 -3.35 -11.47 20.95
C ASP A 19 -3.81 -10.18 20.25
N GLY A 20 -3.40 -9.04 20.80
CA GLY A 20 -3.74 -7.74 20.24
C GLY A 20 -3.20 -7.57 18.82
N LEU A 21 -2.17 -8.33 18.44
CA LEU A 21 -1.58 -8.18 17.10
C LEU A 21 -2.25 -9.04 16.02
N GLU A 22 -3.29 -9.78 16.41
CA GLU A 22 -4.09 -10.51 15.44
C GLU A 22 -4.67 -9.50 14.45
N GLY A 23 -4.50 -9.77 13.17
CA GLY A 23 -4.98 -8.86 12.13
C GLY A 23 -3.96 -7.84 11.64
N LEU A 24 -2.88 -7.63 12.39
CA LEU A 24 -1.91 -6.61 11.96
C LEU A 24 -1.18 -6.90 10.64
N LEU A 25 -0.72 -8.13 10.45
CA LEU A 25 -0.06 -8.50 9.19
C LEU A 25 -1.00 -8.23 8.03
N SER A 26 -2.23 -8.75 8.09
CA SER A 26 -3.19 -8.51 7.01
C SER A 26 -3.38 -7.01 6.79
N PHE A 27 -3.48 -6.25 7.87
CA PHE A 27 -3.68 -4.80 7.75
C PHE A 27 -2.50 -4.16 7.00
N LEU A 28 -1.28 -4.50 7.43
CA LEU A 28 -0.11 -3.89 6.80
C LEU A 28 -0.01 -4.24 5.31
N LEU A 29 -0.27 -5.50 4.96
CA LEU A 29 -0.20 -5.92 3.54
C LEU A 29 -1.29 -5.27 2.70
N THR A 30 -2.50 -5.22 3.26
CA THR A 30 -3.60 -4.63 2.50
C THR A 30 -3.40 -3.14 2.30
N HIS A 31 -2.90 -2.44 3.31
CA HIS A 31 -2.71 -1.00 3.16
C HIS A 31 -1.32 -0.61 2.68
N LYS A 32 -0.50 -1.59 2.31
CA LYS A 32 0.89 -1.33 1.89
C LYS A 32 1.70 -0.51 2.88
N LYS A 33 1.67 -0.88 4.17
CA LYS A 33 2.41 -0.14 5.18
C LYS A 33 3.45 -1.08 5.80
N ARG A 34 4.39 -0.51 6.54
CA ARG A 34 5.45 -1.29 7.18
C ARG A 34 5.63 -0.75 8.59
N LEU A 35 6.10 -1.61 9.52
CA LEU A 35 6.33 -1.18 10.89
C LEU A 35 7.44 -0.13 11.01
N THR A 36 8.18 0.09 9.94
CA THR A 36 9.19 1.16 9.95
C THR A 36 8.67 2.51 9.45
N ASP A 37 7.47 2.54 8.89
CA ASP A 37 6.95 3.79 8.35
C ASP A 37 6.83 4.83 9.45
N GLU A 38 6.98 6.09 9.05
CA GLU A 38 6.95 7.21 9.99
C GLU A 38 5.69 7.16 10.84
N GLU A 39 4.57 6.79 10.25
CA GLU A 39 3.31 6.77 11.01
C GLU A 39 3.31 5.78 12.16
N PHE A 40 4.25 4.81 12.17
CA PHE A 40 4.31 3.83 13.26
C PHE A 40 5.56 3.99 14.10
N ARG A 41 6.22 5.13 13.98
CA ARG A 41 7.38 5.45 14.82
C ARG A 41 7.06 6.63 15.71
N GLU A 42 7.63 6.63 16.90
CA GLU A 42 7.50 7.74 17.83
C GLU A 42 8.21 8.97 17.23
N PRO A 43 7.46 10.04 16.91
CA PRO A 43 8.07 11.20 16.24
C PRO A 43 9.22 11.82 17.02
N SER A 44 9.19 11.74 18.34
CA SER A 44 10.15 12.47 19.14
C SER A 44 11.51 11.76 19.28
N THR A 45 11.56 10.48 18.94
CA THR A 45 12.77 9.67 19.15
C THR A 45 13.11 8.82 17.94
N GLY A 46 12.12 8.48 17.13
CA GLY A 46 12.34 7.53 16.04
C GLY A 46 12.11 6.07 16.41
N LYS A 47 11.77 5.77 17.66
CA LYS A 47 11.46 4.38 18.06
C LYS A 47 10.32 3.75 17.27
N THR A 48 10.55 2.54 16.75
CA THR A 48 9.47 1.71 16.27
C THR A 48 8.87 1.02 17.49
N CYS A 49 7.91 0.15 17.25
CA CYS A 49 7.28 -0.56 18.36
C CYS A 49 8.25 -1.61 18.96
N LEU A 50 9.37 -1.88 18.29
CA LEU A 50 10.28 -2.87 18.84
C LEU A 50 11.02 -2.41 20.11
N PRO A 51 11.69 -1.25 20.06
CA PRO A 51 12.20 -0.74 21.33
C PRO A 51 11.14 -0.58 22.39
N LYS A 52 9.94 -0.11 22.00
CA LYS A 52 8.86 0.00 22.95
C LYS A 52 8.57 -1.34 23.64
N ALA A 53 8.49 -2.42 22.87
CA ALA A 53 8.30 -3.77 23.46
C ALA A 53 9.40 -4.14 24.44
N LEU A 54 10.65 -3.88 24.07
CA LEU A 54 11.76 -4.29 24.91
C LEU A 54 11.84 -3.50 26.18
N LEU A 55 11.26 -2.30 26.17
CA LEU A 55 11.25 -1.44 27.36
C LEU A 55 10.05 -1.74 28.24
N ASN A 56 9.24 -2.69 27.80
CA ASN A 56 8.05 -3.06 28.57
C ASN A 56 7.94 -4.56 28.81
N LEU A 57 8.73 -5.04 29.76
CA LEU A 57 8.82 -6.47 30.01
C LEU A 57 8.04 -6.87 31.24
N SER A 58 7.50 -8.08 31.20
CA SER A 58 6.87 -8.69 32.36
C SER A 58 7.64 -9.93 32.68
N ALA A 59 8.28 -9.96 33.84
CA ALA A 59 9.16 -11.09 34.17
C ALA A 59 10.15 -11.34 33.04
N GLY A 60 10.70 -10.26 32.49
CA GLY A 60 11.65 -10.39 31.39
C GLY A 60 11.08 -10.72 30.03
N ARG A 61 9.75 -10.80 29.90
CA ARG A 61 9.19 -11.19 28.61
C ARG A 61 8.24 -10.15 28.01
N ASN A 62 8.23 -10.08 26.69
CA ASN A 62 7.14 -9.41 25.98
C ASN A 62 6.84 -10.22 24.74
N ASP A 63 5.76 -10.99 24.80
CA ASP A 63 5.45 -11.90 23.71
C ASP A 63 5.01 -11.30 22.39
N THR A 64 4.91 -9.97 22.31
CA THR A 64 4.70 -9.33 21.00
C THR A 64 6.00 -9.37 20.18
N ILE A 65 7.13 -9.49 20.85
CA ILE A 65 8.41 -9.38 20.13
C ILE A 65 8.59 -10.41 19.00
N PRO A 66 8.45 -11.71 19.29
CA PRO A 66 8.56 -12.67 18.18
C PRO A 66 7.53 -12.46 17.08
N ILE A 67 6.32 -12.01 17.45
CA ILE A 67 5.27 -11.77 16.47
C ILE A 67 5.58 -10.57 15.58
N LEU A 68 6.04 -9.47 16.17
CA LEU A 68 6.43 -8.31 15.41
C LEU A 68 7.57 -8.62 14.42
N LEU A 69 8.55 -9.42 14.86
CA LEU A 69 9.64 -9.79 13.97
C LEU A 69 9.17 -10.62 12.79
N ASP A 70 8.21 -11.50 13.03
CA ASP A 70 7.66 -12.33 11.96
C ASP A 70 6.85 -11.47 10.97
N ILE A 71 6.10 -10.52 11.52
CA ILE A 71 5.34 -9.58 10.69
C ILE A 71 6.27 -8.74 9.84
N ALA A 72 7.36 -8.27 10.45
CA ALA A 72 8.35 -7.50 9.69
C ALA A 72 8.95 -8.31 8.56
N GLU A 73 9.22 -9.59 8.82
CA GLU A 73 9.76 -10.46 7.80
C GLU A 73 8.80 -10.63 6.64
N LYS A 74 7.54 -10.91 6.97
CA LYS A 74 6.54 -11.20 5.95
C LYS A 74 6.09 -9.96 5.15
N THR A 75 6.45 -8.77 5.61
CA THR A 75 6.22 -7.52 4.85
C THR A 75 7.51 -7.00 4.20
N GLY A 76 8.49 -7.90 4.05
CA GLY A 76 9.74 -7.60 3.38
C GLY A 76 10.53 -6.49 4.06
N ASN A 77 10.53 -6.53 5.39
CA ASN A 77 10.92 -5.36 6.18
C ASN A 77 11.82 -5.76 7.35
N MET A 78 12.25 -7.03 7.42
CA MET A 78 12.83 -7.49 8.70
C MET A 78 14.10 -6.77 9.12
N ARG A 79 15.04 -6.64 8.18
CA ARG A 79 16.31 -5.96 8.50
C ARG A 79 16.13 -4.50 8.91
N GLU A 80 15.32 -3.78 8.14
CA GLU A 80 15.08 -2.36 8.43
C GLU A 80 14.40 -2.19 9.77
N PHE A 81 13.47 -3.09 10.09
CA PHE A 81 12.71 -3.02 11.33
C PHE A 81 13.63 -3.21 12.53
N ILE A 82 14.40 -4.30 12.48
CA ILE A 82 15.26 -4.64 13.59
C ILE A 82 16.30 -3.55 13.85
N ASN A 83 16.82 -2.95 12.78
CA ASN A 83 17.93 -2.01 12.92
C ASN A 83 17.54 -0.54 12.92
N SER A 84 16.24 -0.26 12.97
CA SER A 84 15.78 1.13 12.93
C SER A 84 16.33 1.89 14.14
N PRO A 85 17.06 2.97 13.90
CA PRO A 85 17.72 3.70 15.00
C PRO A 85 16.81 4.71 15.68
N PHE A 86 17.11 5.00 16.94
CA PHE A 86 16.39 6.04 17.68
C PHE A 86 17.36 6.88 18.50
N ARG A 87 16.87 7.96 19.07
CA ARG A 87 17.71 8.82 19.87
C ARG A 87 16.96 9.26 21.10
N ASP A 88 17.72 9.75 22.08
CA ASP A 88 17.18 10.46 23.24
C ASP A 88 18.15 11.61 23.48
N VAL A 89 18.22 12.18 24.68
CA VAL A 89 19.19 13.28 24.89
C VAL A 89 20.63 12.81 24.98
N TYR A 90 20.81 11.51 25.15
CA TYR A 90 22.12 10.96 25.50
C TYR A 90 22.81 10.28 24.32
N TYR A 91 22.06 9.52 23.54
CA TYR A 91 22.64 8.87 22.38
C TYR A 91 21.77 8.99 21.15
N ARG A 92 22.40 9.01 19.99
CA ARG A 92 21.73 8.76 18.72
C ARG A 92 22.22 7.44 18.12
N GLY A 93 21.47 6.90 17.17
CA GLY A 93 21.86 5.62 16.56
C GLY A 93 21.65 4.37 17.40
N GLN A 94 20.97 4.50 18.53
CA GLN A 94 20.57 3.36 19.37
C GLN A 94 19.72 2.39 18.60
N THR A 95 19.87 1.09 18.87
CA THR A 95 18.99 0.14 18.21
C THR A 95 18.37 -0.80 19.24
N ALA A 96 17.45 -1.62 18.78
CA ALA A 96 16.82 -2.62 19.64
C ALA A 96 17.89 -3.50 20.32
N LEU A 97 18.94 -3.88 19.59
CA LEU A 97 19.97 -4.76 20.15
C LEU A 97 20.64 -4.13 21.35
N HIS A 98 20.89 -2.83 21.28
CA HIS A 98 21.45 -2.14 22.42
C HIS A 98 20.53 -2.26 23.62
N ILE A 99 19.21 -2.09 23.41
CA ILE A 99 18.27 -2.18 24.51
C ILE A 99 18.25 -3.58 25.10
N ALA A 100 18.17 -4.60 24.24
CA ALA A 100 18.14 -5.97 24.72
C ALA A 100 19.39 -6.29 25.54
N ILE A 101 20.53 -5.76 25.12
CA ILE A 101 21.75 -5.99 25.90
C ILE A 101 21.73 -5.24 27.22
N GLU A 102 21.32 -3.98 27.19
CA GLU A 102 21.34 -3.17 28.40
C GLU A 102 20.35 -3.71 29.42
N ARG A 103 19.26 -4.29 28.94
CA ARG A 103 18.26 -4.86 29.86
C ARG A 103 18.60 -6.31 30.21
N ARG A 104 19.75 -6.78 29.75
CA ARG A 104 20.22 -8.12 30.11
C ARG A 104 19.28 -9.22 29.65
N CYS A 105 18.75 -9.09 28.44
CA CYS A 105 17.85 -10.12 27.89
C CYS A 105 18.58 -11.03 26.91
N LYS A 106 19.24 -12.06 27.43
CA LYS A 106 20.05 -12.93 26.59
C LYS A 106 19.22 -13.52 25.46
N HIS A 107 18.02 -13.97 25.78
CA HIS A 107 17.16 -14.60 24.78
C HIS A 107 16.79 -13.65 23.63
N TYR A 108 16.40 -12.41 23.95
CA TYR A 108 16.06 -11.44 22.90
C TYR A 108 17.27 -11.01 22.10
N VAL A 109 18.41 -10.90 22.76
CA VAL A 109 19.64 -10.62 22.04
C VAL A 109 19.86 -11.67 20.95
N GLU A 110 19.72 -12.93 21.32
CA GLU A 110 19.93 -14.03 20.37
C GLU A 110 18.92 -13.97 19.24
N LEU A 111 17.66 -13.76 19.60
CA LEU A 111 16.60 -13.64 18.63
C LEU A 111 16.91 -12.55 17.60
N LEU A 112 17.30 -11.38 18.08
CA LEU A 112 17.58 -10.26 17.21
C LEU A 112 18.80 -10.48 16.33
N VAL A 113 19.87 -11.04 16.88
CA VAL A 113 21.05 -11.31 16.08
C VAL A 113 20.75 -12.39 15.04
N GLU A 114 20.01 -13.43 15.43
CA GLU A 114 19.59 -14.47 14.48
C GLU A 114 18.78 -13.94 13.30
N LYS A 115 18.02 -12.88 13.50
CA LYS A 115 17.16 -12.38 12.42
C LYS A 115 17.76 -11.14 11.74
N GLY A 116 19.04 -10.87 12.01
CA GLY A 116 19.77 -9.89 11.21
C GLY A 116 20.11 -8.56 11.85
N ALA A 117 20.06 -8.49 13.19
CA ALA A 117 20.52 -7.23 13.87
C ALA A 117 21.96 -6.86 13.52
N ASP A 118 22.20 -5.55 13.34
CA ASP A 118 23.54 -5.02 13.12
C ASP A 118 24.35 -5.14 14.40
N VAL A 119 25.26 -6.10 14.42
CA VAL A 119 26.04 -6.35 15.62
C VAL A 119 27.10 -5.26 15.85
N HIS A 120 27.29 -4.35 14.88
CA HIS A 120 28.23 -3.22 15.10
C HIS A 120 27.54 -1.84 15.11
N ALA A 121 26.25 -1.77 15.39
CA ALA A 121 25.57 -0.46 15.44
C ALA A 121 26.15 0.39 16.54
N GLN A 122 26.37 1.67 16.24
CA GLN A 122 27.02 2.58 17.20
C GLN A 122 26.04 3.57 17.80
N ALA A 123 25.87 3.46 19.12
CA ALA A 123 25.14 4.43 19.90
C ALA A 123 26.09 5.58 20.21
N ARG A 124 26.01 6.62 19.40
CA ARG A 124 26.90 7.77 19.52
C ARG A 124 26.40 8.77 20.54
N GLY A 125 27.26 9.16 21.46
CA GLY A 125 26.88 10.14 22.48
C GLY A 125 26.52 11.50 21.91
N ARG A 126 25.58 12.17 22.56
CA ARG A 126 25.19 13.51 22.16
C ARG A 126 25.73 14.49 23.20
N PHE A 127 26.16 15.67 22.77
CA PHE A 127 26.62 16.68 23.73
C PHE A 127 26.00 18.04 23.38
N PHE A 128 25.96 18.95 24.35
CA PHE A 128 25.20 20.20 24.21
C PHE A 128 26.03 21.42 24.58
N GLN A 129 27.22 21.18 25.10
CA GLN A 129 28.20 22.24 25.30
C GLN A 129 29.16 22.25 24.10
N PRO A 130 30.07 23.25 24.03
CA PRO A 130 30.93 23.23 22.84
C PRO A 130 32.05 22.19 22.91
N LYS A 131 32.41 21.74 24.11
CA LYS A 131 33.35 20.65 24.27
C LYS A 131 32.63 19.53 25.03
N ASP A 132 32.72 18.29 24.55
CA ASP A 132 31.92 17.19 25.09
C ASP A 132 31.94 17.13 26.61
N GLU A 133 30.78 17.44 27.20
CA GLU A 133 30.59 17.49 28.63
C GLU A 133 30.50 16.09 29.25
N GLY A 134 30.42 15.08 28.38
CA GLY A 134 30.37 13.70 28.85
C GLY A 134 29.15 13.37 29.68
N GLY A 135 28.01 13.97 29.33
CA GLY A 135 26.77 13.76 30.05
C GLY A 135 26.20 12.35 29.95
N TYR A 136 26.55 11.66 28.87
CA TYR A 136 26.13 10.28 28.65
C TYR A 136 27.08 9.26 29.27
N PHE A 137 26.57 8.06 29.55
CA PHE A 137 27.42 6.98 30.06
C PHE A 137 28.14 6.34 28.88
N TYR A 138 29.46 6.52 28.83
CA TYR A 138 30.20 5.98 27.70
C TYR A 138 30.62 4.54 27.89
N PHE A 139 30.26 3.69 26.93
CA PHE A 139 30.62 2.27 26.99
C PHE A 139 31.25 1.77 25.70
N GLY A 140 31.71 2.66 24.84
CA GLY A 140 32.34 2.23 23.59
C GLY A 140 31.39 2.02 22.42
N GLU A 141 30.16 2.54 22.53
CA GLU A 141 29.19 2.59 21.41
C GLU A 141 28.60 1.28 20.89
N LEU A 142 29.45 0.27 20.77
CA LEU A 142 29.11 -0.96 20.08
C LEU A 142 28.41 -1.96 20.98
N PRO A 143 27.61 -2.86 20.39
CA PRO A 143 26.93 -3.91 21.17
C PRO A 143 27.91 -4.78 21.97
N LEU A 144 29.00 -5.23 21.35
CA LEU A 144 29.97 -6.05 22.08
C LEU A 144 30.58 -5.27 23.24
N SER A 145 30.91 -4.00 23.01
CA SER A 145 31.51 -3.22 24.09
C SER A 145 30.49 -2.94 25.20
N LEU A 146 29.23 -2.76 24.84
CA LEU A 146 28.18 -2.65 25.86
C LEU A 146 28.08 -3.93 26.72
N ALA A 147 28.07 -5.08 26.06
CA ALA A 147 27.96 -6.36 26.79
C ALA A 147 29.13 -6.53 27.75
N ALA A 148 30.32 -6.17 27.29
CA ALA A 148 31.53 -6.28 28.10
C ALA A 148 31.44 -5.34 29.26
N CYS A 149 31.06 -4.10 28.97
CA CYS A 149 31.08 -3.05 29.99
C CYS A 149 29.97 -3.23 31.01
N THR A 150 28.99 -4.07 30.70
CA THR A 150 27.92 -4.31 31.66
C THR A 150 28.03 -5.70 32.31
N ASN A 151 29.23 -6.28 32.21
CA ASN A 151 29.56 -7.54 32.86
C ASN A 151 28.61 -8.67 32.47
N GLN A 152 28.48 -8.93 31.17
CA GLN A 152 27.64 -10.02 30.68
C GLN A 152 28.41 -10.95 29.77
N PRO A 153 29.25 -11.81 30.37
CA PRO A 153 30.11 -12.74 29.65
C PRO A 153 29.32 -13.63 28.69
N HIS A 154 28.15 -14.13 29.08
CA HIS A 154 27.37 -14.99 28.18
C HIS A 154 27.00 -14.28 26.89
N ILE A 155 26.67 -13.01 26.99
CA ILE A 155 26.35 -12.24 25.80
C ILE A 155 27.62 -11.94 25.01
N VAL A 156 28.71 -11.67 25.72
CA VAL A 156 30.00 -11.51 25.06
C VAL A 156 30.36 -12.77 24.27
N HIS A 157 30.27 -13.92 24.92
CA HIS A 157 30.47 -15.19 24.22
C HIS A 157 29.51 -15.35 23.03
N TYR A 158 28.22 -15.16 23.26
CA TYR A 158 27.28 -15.30 22.17
C TYR A 158 27.62 -14.39 20.99
N LEU A 159 27.86 -13.12 21.27
CA LEU A 159 28.04 -12.16 20.19
C LEU A 159 29.26 -12.48 19.37
N THR A 160 30.29 -13.02 20.02
CA THR A 160 31.51 -13.33 19.26
C THR A 160 31.57 -14.75 18.69
N GLU A 161 30.73 -15.66 19.19
CA GLU A 161 30.84 -17.08 18.81
C GLU A 161 29.64 -17.67 18.06
N ASN A 162 28.52 -16.96 18.04
CA ASN A 162 27.31 -17.47 17.39
C ASN A 162 27.46 -17.81 15.90
N GLY A 163 26.66 -18.77 15.42
CA GLY A 163 26.73 -19.18 14.03
C GLY A 163 26.05 -18.29 13.00
N HIS A 164 25.50 -17.14 13.38
CA HIS A 164 24.79 -16.35 12.39
C HIS A 164 25.54 -15.10 11.97
N LYS A 165 25.93 -14.32 12.96
CA LYS A 165 26.69 -13.10 12.70
C LYS A 165 27.44 -12.68 13.95
N GLN A 166 28.77 -12.59 13.84
CA GLN A 166 29.64 -12.36 14.98
C GLN A 166 30.11 -10.91 15.07
N ALA A 167 30.05 -10.36 16.28
CA ALA A 167 30.69 -9.09 16.53
C ALA A 167 32.20 -9.30 16.46
N ASP A 168 32.89 -8.35 15.82
CA ASP A 168 34.36 -8.34 15.69
C ASP A 168 34.98 -7.75 16.94
N LEU A 169 35.72 -8.60 17.64
CA LEU A 169 36.50 -8.21 18.83
C LEU A 169 37.49 -7.05 18.56
N ARG A 170 37.91 -6.90 17.31
CA ARG A 170 38.90 -5.88 16.93
C ARG A 170 38.26 -4.56 16.56
N ARG A 171 36.93 -4.53 16.62
CA ARG A 171 36.20 -3.36 16.15
C ARG A 171 36.52 -2.13 17.00
N GLN A 172 36.55 -0.97 16.36
CA GLN A 172 36.78 0.28 17.07
C GLN A 172 35.60 1.23 16.85
N ASP A 173 35.22 1.98 17.89
CA ASP A 173 34.10 2.94 17.79
C ASP A 173 34.54 4.28 17.18
N SER A 174 33.71 5.31 17.32
CA SER A 174 34.04 6.59 16.71
C SER A 174 35.24 7.30 17.36
N ARG A 175 35.63 6.87 18.56
CA ARG A 175 36.81 7.45 19.21
C ARG A 175 38.05 6.62 18.87
N GLY A 176 37.88 5.56 18.09
CA GLY A 176 38.95 4.61 17.82
C GLY A 176 39.11 3.60 18.94
N ASN A 177 38.13 3.54 19.85
CA ASN A 177 38.24 2.66 21.04
C ASN A 177 37.76 1.25 20.75
N THR A 178 38.60 0.26 21.02
CA THR A 178 38.14 -1.12 20.98
C THR A 178 37.45 -1.42 22.28
N VAL A 179 36.89 -2.61 22.39
CA VAL A 179 36.25 -3.04 23.63
C VAL A 179 37.21 -2.95 24.81
N LEU A 180 38.52 -3.13 24.56
CA LEU A 180 39.48 -2.99 25.63
C LEU A 180 39.63 -1.54 26.11
N HIS A 181 39.66 -0.58 25.18
CA HIS A 181 39.65 0.81 25.61
C HIS A 181 38.36 1.11 26.40
N ALA A 182 37.25 0.51 25.96
CA ALA A 182 35.97 0.80 26.60
C ALA A 182 35.96 0.32 28.04
N LEU A 183 36.51 -0.87 28.27
CA LEU A 183 36.62 -1.40 29.62
C LEU A 183 37.46 -0.47 30.49
N VAL A 184 38.49 0.13 29.91
CA VAL A 184 39.28 1.12 30.64
C VAL A 184 38.45 2.37 30.94
N ALA A 185 37.67 2.82 29.96
CA ALA A 185 36.81 3.99 30.15
C ALA A 185 35.85 3.83 31.34
N ILE A 186 35.28 2.63 31.50
CA ILE A 186 34.31 2.40 32.58
C ILE A 186 34.93 1.97 33.90
N ALA A 187 36.24 1.80 33.92
CA ALA A 187 36.90 1.37 35.15
C ALA A 187 36.89 2.50 36.19
N ASP A 188 36.61 2.18 37.46
CA ASP A 188 36.50 3.26 38.45
C ASP A 188 37.32 3.02 39.72
N ASN A 189 38.14 1.97 39.69
CA ASN A 189 39.06 1.63 40.77
C ASN A 189 38.42 1.07 42.04
N THR A 190 37.14 0.70 41.97
CA THR A 190 36.51 0.03 43.10
C THR A 190 36.66 -1.46 42.91
N ARG A 191 36.59 -2.21 44.01
CA ARG A 191 37.00 -3.61 44.03
C ARG A 191 36.19 -4.50 43.09
N GLU A 192 34.87 -4.34 43.10
CA GLU A 192 34.03 -5.22 42.30
C GLU A 192 34.14 -4.87 40.81
N ASN A 193 34.29 -3.58 40.54
CA ASN A 193 34.54 -3.09 39.19
C ASN A 193 35.88 -3.60 38.65
N THR A 194 36.95 -3.37 39.41
CA THR A 194 38.27 -3.86 39.03
C THR A 194 38.25 -5.36 38.78
N LYS A 195 37.48 -6.09 39.58
CA LYS A 195 37.40 -7.53 39.45
C LYS A 195 36.74 -8.03 38.16
N PHE A 196 35.66 -7.39 37.72
CA PHE A 196 34.98 -7.88 36.53
C PHE A 196 35.62 -7.33 35.26
N VAL A 197 36.10 -6.08 35.36
CA VAL A 197 36.80 -5.45 34.25
C VAL A 197 38.10 -6.21 33.86
N THR A 198 38.91 -6.58 34.84
CA THR A 198 40.12 -7.36 34.51
C THR A 198 39.79 -8.75 33.95
N LYS A 199 38.76 -9.39 34.48
CA LYS A 199 38.34 -10.70 33.99
C LYS A 199 37.83 -10.62 32.54
N MET A 200 37.04 -9.58 32.26
CA MET A 200 36.50 -9.37 30.91
C MET A 200 37.63 -9.03 29.93
N TYR A 201 38.51 -8.11 30.35
CA TYR A 201 39.66 -7.71 29.55
C TYR A 201 40.48 -8.93 29.10
N ASP A 202 40.83 -9.80 30.05
CA ASP A 202 41.63 -11.00 29.73
C ASP A 202 40.90 -11.99 28.84
N LEU A 203 39.62 -12.22 29.12
CA LEU A 203 38.79 -13.11 28.32
C LEU A 203 38.81 -12.66 26.86
N LEU A 204 38.64 -11.35 26.63
CA LEU A 204 38.64 -10.83 25.28
C LEU A 204 40.04 -10.82 24.68
N LEU A 205 41.05 -10.50 25.49
CA LEU A 205 42.41 -10.46 24.96
C LEU A 205 42.84 -11.84 24.45
N ILE A 206 42.60 -12.84 25.28
CA ILE A 206 42.94 -14.21 24.95
C ILE A 206 42.16 -14.72 23.74
N LYS A 207 40.86 -14.41 23.71
CA LYS A 207 40.03 -14.86 22.61
C LYS A 207 40.47 -14.25 21.29
N CYS A 208 40.91 -13.01 21.32
CA CYS A 208 41.42 -12.38 20.11
C CYS A 208 42.69 -13.05 19.62
N ALA A 209 43.57 -13.38 20.55
CA ALA A 209 44.84 -14.01 20.19
C ALA A 209 44.59 -15.39 19.59
N LYS A 210 43.62 -16.10 20.14
CA LYS A 210 43.26 -17.42 19.65
C LYS A 210 42.77 -17.31 18.22
N LEU A 211 41.85 -16.40 17.96
CA LEU A 211 41.26 -16.25 16.62
C LEU A 211 42.26 -15.67 15.62
N PHE A 212 42.99 -14.64 16.03
CA PHE A 212 43.94 -13.98 15.16
C PHE A 212 45.30 -13.98 15.82
N PRO A 213 46.04 -15.08 15.63
CA PRO A 213 47.31 -15.26 16.33
C PRO A 213 48.35 -14.20 15.96
N ASP A 214 48.14 -13.55 14.82
CA ASP A 214 49.01 -12.46 14.39
C ASP A 214 48.66 -11.16 15.13
N THR A 215 47.59 -11.16 15.90
CA THR A 215 46.99 -9.89 16.36
C THR A 215 46.97 -9.70 17.87
N ASN A 216 47.56 -8.60 18.33
CA ASN A 216 47.54 -8.21 19.73
C ASN A 216 46.51 -7.13 19.96
N LEU A 217 45.38 -7.50 20.55
CA LEU A 217 44.26 -6.57 20.67
C LEU A 217 44.65 -5.36 21.51
N GLU A 218 45.52 -5.54 22.49
CA GLU A 218 45.86 -4.42 23.35
C GLU A 218 46.94 -3.53 22.75
N ALA A 219 47.35 -3.84 21.52
CA ALA A 219 48.25 -2.97 20.77
C ALA A 219 47.50 -1.95 19.88
N LEU A 220 46.22 -2.18 19.61
CA LEU A 220 45.46 -1.30 18.69
C LEU A 220 45.25 0.09 19.34
N LEU A 221 45.43 1.14 18.57
CA LEU A 221 45.45 2.50 19.13
C LEU A 221 44.16 3.25 18.89
N ASN A 222 43.72 4.01 19.88
CA ASN A 222 42.58 4.87 19.67
C ASN A 222 43.01 6.17 18.99
N ASN A 223 42.07 7.05 18.74
CA ASN A 223 42.35 8.25 17.97
C ASN A 223 43.18 9.29 18.73
N ASP A 224 43.42 9.05 20.02
CA ASP A 224 44.38 9.85 20.75
C ASP A 224 45.79 9.25 20.61
N GLY A 225 45.88 8.14 19.89
CA GLY A 225 47.14 7.42 19.73
C GLY A 225 47.48 6.57 20.93
N LEU A 226 46.49 6.28 21.76
CA LEU A 226 46.72 5.53 22.99
C LEU A 226 46.29 4.07 22.92
N SER A 227 47.14 3.19 23.46
CA SER A 227 46.74 1.82 23.73
C SER A 227 45.86 1.81 24.96
N PRO A 228 45.16 0.69 25.21
CA PRO A 228 44.41 0.61 26.46
C PRO A 228 45.29 0.82 27.68
N LEU A 229 46.49 0.24 27.72
CA LEU A 229 47.36 0.43 28.85
C LEU A 229 47.66 1.92 29.07
N MET A 230 48.00 2.62 28.01
CA MET A 230 48.39 4.01 28.16
C MET A 230 47.19 4.91 28.48
N MET A 231 46.04 4.61 27.88
CA MET A 231 44.81 5.34 28.21
C MET A 231 44.55 5.17 29.68
N ALA A 232 44.72 3.94 30.15
CA ALA A 232 44.51 3.64 31.57
C ALA A 232 45.44 4.43 32.48
N ALA A 233 46.68 4.62 32.05
CA ALA A 233 47.63 5.34 32.87
C ALA A 233 47.27 6.81 32.88
N LYS A 234 46.91 7.34 31.71
CA LYS A 234 46.62 8.75 31.56
C LYS A 234 45.37 9.16 32.33
N THR A 235 44.43 8.23 32.48
CA THR A 235 43.14 8.56 33.08
C THR A 235 42.98 8.03 34.51
N GLY A 236 44.09 7.63 35.12
CA GLY A 236 44.08 7.24 36.52
C GLY A 236 43.40 5.94 36.87
N LYS A 237 43.29 5.03 35.90
CA LYS A 237 42.66 3.73 36.18
C LYS A 237 43.65 2.72 36.75
N ILE A 238 44.00 2.91 38.02
CA ILE A 238 45.04 2.14 38.71
C ILE A 238 44.86 0.61 38.66
N GLY A 239 43.68 0.13 39.04
CA GLY A 239 43.46 -1.30 39.13
C GLY A 239 43.63 -2.02 37.80
N ILE A 240 43.06 -1.48 36.73
CA ILE A 240 43.20 -2.17 35.46
C ILE A 240 44.62 -1.99 34.92
N PHE A 241 45.17 -0.80 35.09
CA PHE A 241 46.54 -0.53 34.67
C PHE A 241 47.50 -1.54 35.25
N GLN A 242 47.48 -1.68 36.56
CA GLN A 242 48.35 -2.62 37.24
C GLN A 242 48.11 -4.06 36.80
N HIS A 243 46.85 -4.40 36.52
CA HIS A 243 46.57 -5.78 36.14
C HIS A 243 47.16 -6.09 34.78
N ILE A 244 47.13 -5.10 33.89
CA ILE A 244 47.64 -5.31 32.55
C ILE A 244 49.15 -5.47 32.62
N ILE A 245 49.80 -4.68 33.47
CA ILE A 245 51.23 -4.79 33.66
C ILE A 245 51.68 -6.17 34.17
N ARG A 246 51.05 -6.64 35.25
CA ARG A 246 51.37 -7.95 35.82
C ARG A 246 51.08 -9.08 34.84
N ARG A 247 50.06 -8.87 33.97
CA ARG A 247 49.69 -9.87 32.98
C ARG A 247 50.68 -9.89 31.85
N GLU A 248 51.15 -8.71 31.46
CA GLU A 248 52.17 -8.59 30.45
C GLU A 248 53.48 -9.24 30.92
N ILE A 249 53.82 -9.00 32.19
CA ILE A 249 55.00 -9.61 32.80
C ILE A 249 54.86 -11.14 32.87
N ALA A 250 53.70 -11.61 33.32
CA ALA A 250 53.45 -13.04 33.41
C ALA A 250 53.50 -13.71 32.02
N ASP A 251 53.04 -12.99 31.00
CA ASP A 251 52.95 -13.52 29.64
C ASP A 251 54.34 -13.71 29.03
N ALA A 252 55.26 -12.84 29.42
CA ALA A 252 56.64 -12.94 28.96
C ALA A 252 57.37 -14.06 29.73
N ALA A 253 57.02 -14.22 31.00
CA ALA A 253 57.59 -15.27 31.83
C ALA A 253 57.22 -16.65 31.30
N ALA A 254 56.07 -16.73 30.62
CA ALA A 254 55.56 -17.98 30.11
C ALA A 254 56.43 -18.49 28.97
N HIS A 255 57.01 -17.55 28.23
CA HIS A 255 57.80 -17.90 27.06
C HIS A 255 59.21 -17.31 27.07
N MET B 1 2.63 -31.74 45.70
CA MET B 1 2.23 -32.71 44.67
C MET B 1 2.32 -32.08 43.27
N LYS B 2 1.27 -32.28 42.47
CA LYS B 2 1.10 -31.61 41.18
C LYS B 2 1.25 -30.10 41.32
N VAL B 3 2.02 -29.51 40.41
CA VAL B 3 2.27 -28.07 40.41
C VAL B 3 1.56 -27.31 39.29
N PHE B 4 0.99 -26.16 39.62
CA PHE B 4 0.31 -25.37 38.60
C PHE B 4 0.94 -23.99 38.52
N ASN B 5 1.01 -23.44 37.31
CA ASN B 5 1.34 -22.02 37.10
C ASN B 5 0.57 -21.46 35.92
N ARG B 6 0.82 -20.22 35.53
CA ARG B 6 -0.01 -19.65 34.46
C ARG B 6 0.09 -20.38 33.12
N PRO B 7 1.31 -20.62 32.63
CA PRO B 7 1.37 -21.31 31.34
C PRO B 7 0.73 -22.71 31.42
N ILE B 8 0.91 -23.41 32.52
CA ILE B 8 0.28 -24.73 32.66
C ILE B 8 -1.23 -24.65 32.67
N LEU B 9 -1.74 -23.79 33.55
CA LEU B 9 -3.18 -23.55 33.66
C LEU B 9 -3.81 -23.14 32.33
N PHE B 10 -3.20 -22.18 31.63
CA PHE B 10 -3.77 -21.73 30.36
C PHE B 10 -3.67 -22.77 29.27
N ASP B 11 -2.62 -23.59 29.29
CA ASP B 11 -2.55 -24.69 28.32
C ASP B 11 -3.75 -25.62 28.51
N ILE B 12 -3.99 -26.04 29.75
CA ILE B 12 -5.10 -26.98 30.07
C ILE B 12 -6.43 -26.38 29.64
N VAL B 13 -6.63 -25.12 29.98
CA VAL B 13 -7.86 -24.46 29.69
C VAL B 13 -8.06 -24.20 28.21
N SER B 14 -6.99 -23.83 27.52
CA SER B 14 -7.15 -23.59 26.09
C SER B 14 -7.40 -24.88 25.31
N ARG B 15 -6.88 -26.01 25.80
CA ARG B 15 -7.23 -27.28 25.12
C ARG B 15 -8.63 -27.73 25.52
N GLY B 16 -9.07 -27.26 26.69
CA GLY B 16 -10.39 -27.61 27.24
C GLY B 16 -10.39 -29.00 27.86
N SER B 17 -9.37 -29.28 28.66
CA SER B 17 -9.15 -30.61 29.26
C SER B 17 -9.55 -30.61 30.73
N PRO B 18 -10.76 -31.09 31.04
CA PRO B 18 -11.13 -31.10 32.45
C PRO B 18 -10.20 -31.99 33.28
N ASP B 19 -9.68 -33.07 32.71
CA ASP B 19 -8.81 -33.96 33.48
C ASP B 19 -7.53 -33.26 33.92
N GLY B 20 -7.06 -32.31 33.11
CA GLY B 20 -5.86 -31.56 33.45
C GLY B 20 -5.99 -30.79 34.76
N LEU B 21 -7.22 -30.55 35.21
CA LEU B 21 -7.39 -29.76 36.44
C LEU B 21 -7.40 -30.59 37.74
N GLU B 22 -7.18 -31.91 37.66
CA GLU B 22 -6.99 -32.72 38.88
C GLU B 22 -5.79 -32.19 39.65
N GLY B 23 -5.98 -31.98 40.96
CA GLY B 23 -4.91 -31.50 41.80
C GLY B 23 -4.83 -29.99 41.96
N LEU B 24 -5.53 -29.25 41.10
CA LEU B 24 -5.46 -27.78 41.18
C LEU B 24 -6.06 -27.17 42.45
N LEU B 25 -7.25 -27.62 42.83
CA LEU B 25 -7.88 -27.14 44.06
C LEU B 25 -6.92 -27.41 45.23
N SER B 26 -6.42 -28.63 45.34
CA SER B 26 -5.48 -28.94 46.40
C SER B 26 -4.21 -28.08 46.37
N PHE B 27 -3.68 -27.83 45.17
CA PHE B 27 -2.53 -26.94 45.01
C PHE B 27 -2.87 -25.53 45.52
N LEU B 28 -4.01 -25.00 45.10
CA LEU B 28 -4.36 -23.64 45.49
C LEU B 28 -4.51 -23.51 46.99
N LEU B 29 -5.17 -24.48 47.62
CA LEU B 29 -5.35 -24.44 49.07
C LEU B 29 -4.03 -24.60 49.79
N THR B 30 -3.20 -25.52 49.32
CA THR B 30 -1.93 -25.72 50.00
C THR B 30 -1.05 -24.49 49.89
N HIS B 31 -1.00 -23.88 48.72
CA HIS B 31 -0.14 -22.72 48.53
C HIS B 31 -0.77 -21.36 48.82
N LYS B 32 -2.00 -21.37 49.35
CA LYS B 32 -2.76 -20.14 49.64
C LYS B 32 -2.84 -19.20 48.44
N LYS B 33 -3.19 -19.75 47.28
CA LYS B 33 -3.31 -18.96 46.07
C LYS B 33 -4.75 -19.01 45.58
N ARG B 34 -5.11 -18.12 44.65
CA ARG B 34 -6.46 -18.05 44.11
C ARG B 34 -6.35 -17.85 42.62
N LEU B 35 -7.37 -18.28 41.88
CA LEU B 35 -7.37 -18.11 40.40
C LEU B 35 -7.44 -16.64 39.95
N THR B 36 -7.74 -15.73 40.87
CA THR B 36 -7.68 -14.30 40.56
C THR B 36 -6.34 -13.64 40.86
N ASP B 37 -5.42 -14.37 41.52
CA ASP B 37 -4.11 -13.75 41.81
C ASP B 37 -3.39 -13.34 40.52
N GLU B 38 -2.55 -12.33 40.62
CA GLU B 38 -1.80 -11.81 39.50
C GLU B 38 -1.06 -12.93 38.76
N GLU B 39 -0.52 -13.89 39.50
CA GLU B 39 0.24 -14.96 38.83
C GLU B 39 -0.58 -15.85 37.89
N PHE B 40 -1.91 -15.80 38.03
CA PHE B 40 -2.83 -16.60 37.20
C PHE B 40 -3.70 -15.78 36.25
N ARG B 41 -3.33 -14.52 36.07
CA ARG B 41 -3.99 -13.66 35.09
C ARG B 41 -3.00 -13.26 34.01
N GLU B 42 -3.49 -13.12 32.77
CA GLU B 42 -2.66 -12.65 31.67
C GLU B 42 -2.21 -11.22 32.01
N PRO B 43 -0.90 -10.99 32.18
CA PRO B 43 -0.49 -9.61 32.56
C PRO B 43 -0.93 -8.53 31.59
N SER B 44 -1.04 -8.85 30.31
CA SER B 44 -1.28 -7.81 29.31
C SER B 44 -2.75 -7.39 29.21
N THR B 45 -3.65 -8.17 29.81
CA THR B 45 -5.10 -7.93 29.63
C THR B 45 -5.88 -7.96 30.92
N GLY B 46 -5.37 -8.71 31.88
CA GLY B 46 -6.11 -8.95 33.11
C GLY B 46 -6.99 -10.17 33.08
N LYS B 47 -7.08 -10.86 31.94
CA LYS B 47 -7.89 -12.08 31.82
C LYS B 47 -7.46 -13.16 32.81
N THR B 48 -8.41 -13.76 33.51
CA THR B 48 -8.17 -15.01 34.24
C THR B 48 -8.34 -16.15 33.26
N CYS B 49 -8.24 -17.39 33.75
CA CYS B 49 -8.43 -18.55 32.88
C CYS B 49 -9.89 -18.68 32.43
N LEU B 50 -10.82 -17.95 33.05
CA LEU B 50 -12.21 -18.09 32.65
C LEU B 50 -12.54 -17.50 31.26
N PRO B 51 -12.18 -16.25 31.00
CA PRO B 51 -12.34 -15.79 29.61
C PRO B 51 -11.55 -16.65 28.64
N LYS B 52 -10.35 -17.08 29.02
CA LYS B 52 -9.58 -17.99 28.16
C LYS B 52 -10.41 -19.23 27.79
N ALA B 53 -11.03 -19.84 28.79
CA ALA B 53 -11.87 -21.02 28.55
C ALA B 53 -13.00 -20.72 27.58
N LEU B 54 -13.67 -19.58 27.80
CA LEU B 54 -14.84 -19.21 26.99
C LEU B 54 -14.45 -18.86 25.56
N LEU B 55 -13.20 -18.45 25.37
CA LEU B 55 -12.70 -18.15 24.02
C LEU B 55 -12.14 -19.40 23.35
N ASN B 56 -12.23 -20.51 24.06
CA ASN B 56 -11.74 -21.78 23.51
C ASN B 56 -12.73 -22.94 23.62
N LEU B 57 -13.74 -22.89 22.76
CA LEU B 57 -14.83 -23.85 22.77
C LEU B 57 -14.62 -24.91 21.69
N SER B 58 -15.07 -26.11 21.98
CA SER B 58 -15.11 -27.17 20.98
C SER B 58 -16.57 -27.57 20.93
N ALA B 59 -17.20 -27.37 19.77
CA ALA B 59 -18.63 -27.63 19.66
C ALA B 59 -19.43 -26.88 20.74
N GLY B 60 -19.05 -25.62 20.99
CA GLY B 60 -19.72 -24.78 21.97
C GLY B 60 -19.45 -25.08 23.44
N ARG B 61 -18.53 -26.01 23.72
CA ARG B 61 -18.27 -26.39 25.09
C ARG B 61 -16.81 -26.29 25.47
N ASN B 62 -16.59 -25.98 26.73
CA ASN B 62 -15.28 -26.14 27.34
C ASN B 62 -15.49 -26.65 28.73
N ASP B 63 -15.29 -27.96 28.91
CA ASP B 63 -15.61 -28.58 30.18
C ASP B 63 -14.76 -28.22 31.38
N THR B 64 -13.74 -27.37 31.19
CA THR B 64 -13.00 -26.83 32.33
C THR B 64 -13.84 -25.81 33.12
N ILE B 65 -14.80 -25.20 32.43
CA ILE B 65 -15.57 -24.07 33.03
C ILE B 65 -16.31 -24.41 34.35
N PRO B 66 -17.15 -25.46 34.32
CA PRO B 66 -17.82 -25.81 35.59
C PRO B 66 -16.81 -26.13 36.68
N ILE B 67 -15.70 -26.78 36.32
CA ILE B 67 -14.69 -27.17 37.32
C ILE B 67 -13.97 -25.96 37.92
N LEU B 68 -13.61 -25.01 37.06
CA LEU B 68 -13.00 -23.77 37.53
C LEU B 68 -13.89 -22.98 38.50
N LEU B 69 -15.18 -22.94 38.21
CA LEU B 69 -16.13 -22.22 39.05
C LEU B 69 -16.25 -22.86 40.43
N ASP B 70 -16.22 -24.19 40.45
CA ASP B 70 -16.24 -24.95 41.69
C ASP B 70 -14.97 -24.72 42.52
N ILE B 71 -13.83 -24.72 41.84
CA ILE B 71 -12.55 -24.44 42.50
C ILE B 71 -12.54 -23.04 43.07
N ALA B 72 -13.07 -22.10 42.30
CA ALA B 72 -13.15 -20.73 42.80
C ALA B 72 -14.05 -20.68 44.03
N GLU B 73 -15.16 -21.41 43.98
CA GLU B 73 -16.08 -21.35 45.11
C GLU B 73 -15.40 -21.86 46.37
N LYS B 74 -14.69 -22.98 46.22
CA LYS B 74 -14.06 -23.68 47.34
C LYS B 74 -12.81 -22.98 47.88
N THR B 75 -12.28 -22.03 47.11
CA THR B 75 -11.16 -21.21 47.58
C THR B 75 -11.63 -19.82 47.99
N GLY B 76 -12.94 -19.71 48.23
CA GLY B 76 -13.58 -18.50 48.73
C GLY B 76 -13.44 -17.31 47.80
N ASN B 77 -13.67 -17.58 46.51
CA ASN B 77 -13.19 -16.70 45.47
C ASN B 77 -14.17 -16.59 44.31
N MET B 78 -15.36 -17.15 44.47
CA MET B 78 -16.20 -17.33 43.28
C MET B 78 -16.65 -16.03 42.61
N ARG B 79 -17.17 -15.09 43.40
CA ARG B 79 -17.65 -13.84 42.83
C ARG B 79 -16.53 -13.04 42.21
N GLU B 80 -15.38 -12.99 42.88
CA GLU B 80 -14.23 -12.27 42.34
C GLU B 80 -13.72 -12.90 41.05
N PHE B 81 -13.71 -14.22 41.01
CA PHE B 81 -13.24 -14.94 39.85
C PHE B 81 -14.15 -14.67 38.66
N ILE B 82 -15.45 -14.86 38.87
CA ILE B 82 -16.41 -14.67 37.81
C ILE B 82 -16.37 -13.24 37.27
N ASN B 83 -16.21 -12.27 38.16
CA ASN B 83 -16.35 -10.87 37.75
C ASN B 83 -15.01 -10.16 37.45
N SER B 84 -13.91 -10.88 37.47
CA SER B 84 -12.60 -10.27 37.21
C SER B 84 -12.57 -9.61 35.83
N PRO B 85 -12.25 -8.31 35.79
CA PRO B 85 -12.36 -7.55 34.53
C PRO B 85 -11.13 -7.68 33.66
N PHE B 86 -11.29 -7.54 32.35
CA PHE B 86 -10.12 -7.52 31.45
C PHE B 86 -10.26 -6.43 30.41
N ARG B 87 -9.19 -6.18 29.68
CA ARG B 87 -9.22 -5.13 28.68
C ARG B 87 -8.50 -5.57 27.44
N ASP B 88 -8.77 -4.86 26.36
CA ASP B 88 -8.00 -5.01 25.11
C ASP B 88 -7.89 -3.61 24.52
N VAL B 89 -7.64 -3.43 23.22
CA VAL B 89 -7.62 -2.02 22.75
C VAL B 89 -8.99 -1.34 22.67
N TYR B 90 -10.06 -2.13 22.73
CA TYR B 90 -11.41 -1.61 22.42
C TYR B 90 -12.20 -1.33 23.69
N TYR B 91 -12.16 -2.24 24.65
CA TYR B 91 -12.90 -2.02 25.89
C TYR B 91 -12.08 -2.34 27.12
N ARG B 92 -12.37 -1.64 28.21
CA ARG B 92 -11.95 -2.10 29.53
C ARG B 92 -13.18 -2.51 30.37
N GLY B 93 -12.96 -3.23 31.44
CA GLY B 93 -14.08 -3.70 32.27
C GLY B 93 -14.92 -4.82 31.69
N GLN B 94 -14.49 -5.42 30.58
CA GLN B 94 -15.13 -6.63 30.03
C GLN B 94 -15.14 -7.74 31.06
N THR B 95 -16.18 -8.59 31.07
CA THR B 95 -16.17 -9.73 31.99
C THR B 95 -16.49 -11.01 31.24
N ALA B 96 -16.36 -12.15 31.92
CA ALA B 96 -16.74 -13.44 31.31
C ALA B 96 -18.16 -13.38 30.75
N LEU B 97 -19.06 -12.72 31.45
CA LEU B 97 -20.45 -12.68 31.01
C LEU B 97 -20.59 -12.01 29.65
N HIS B 98 -19.82 -10.95 29.43
CA HIS B 98 -19.85 -10.30 28.14
C HIS B 98 -19.45 -11.28 27.06
N ILE B 99 -18.41 -12.07 27.33
CA ILE B 99 -17.94 -13.04 26.35
C ILE B 99 -19.00 -14.09 26.09
N ALA B 100 -19.59 -14.61 27.17
CA ALA B 100 -20.60 -15.64 27.00
C ALA B 100 -21.74 -15.14 26.13
N ILE B 101 -22.13 -13.87 26.33
CA ILE B 101 -23.19 -13.28 25.52
C ILE B 101 -22.76 -13.08 24.08
N GLU B 102 -21.56 -12.53 23.88
CA GLU B 102 -21.16 -12.20 22.52
C GLU B 102 -20.95 -13.46 21.70
N ARG B 103 -20.54 -14.55 22.35
CA ARG B 103 -20.34 -15.81 21.62
C ARG B 103 -21.64 -16.60 21.50
N ARG B 104 -22.73 -16.00 21.99
CA ARG B 104 -24.07 -16.60 21.88
C ARG B 104 -24.18 -17.94 22.59
N CYS B 105 -23.57 -18.05 23.77
CA CYS B 105 -23.63 -19.28 24.57
C CYS B 105 -24.64 -19.17 25.69
N LYS B 106 -25.89 -19.50 25.39
CA LYS B 106 -26.98 -19.39 26.35
C LYS B 106 -26.66 -20.13 27.64
N HIS B 107 -26.13 -21.35 27.49
CA HIS B 107 -25.83 -22.19 28.64
C HIS B 107 -24.83 -21.57 29.57
N TYR B 108 -23.73 -21.03 29.03
CA TYR B 108 -22.76 -20.40 29.91
C TYR B 108 -23.27 -19.07 30.50
N VAL B 109 -24.09 -18.35 29.74
CA VAL B 109 -24.71 -17.14 30.32
C VAL B 109 -25.48 -17.51 31.58
N GLU B 110 -26.31 -18.55 31.47
CA GLU B 110 -27.10 -19.00 32.62
C GLU B 110 -26.19 -19.44 33.77
N LEU B 111 -25.18 -20.24 33.46
CA LEU B 111 -24.26 -20.71 34.48
C LEU B 111 -23.60 -19.57 35.25
N LEU B 112 -23.11 -18.58 34.52
CA LEU B 112 -22.41 -17.47 35.16
C LEU B 112 -23.34 -16.61 36.02
N VAL B 113 -24.55 -16.37 35.54
CA VAL B 113 -25.48 -15.55 36.32
C VAL B 113 -25.87 -16.31 37.59
N GLU B 114 -26.12 -17.62 37.43
CA GLU B 114 -26.51 -18.47 38.56
C GLU B 114 -25.48 -18.45 39.67
N LYS B 115 -24.22 -18.26 39.31
CA LYS B 115 -23.16 -18.31 40.32
C LYS B 115 -22.64 -16.93 40.69
N GLY B 116 -23.33 -15.88 40.25
CA GLY B 116 -23.08 -14.55 40.79
C GLY B 116 -22.40 -13.55 39.87
N ALA B 117 -22.43 -13.79 38.58
CA ALA B 117 -21.91 -12.77 37.65
C ALA B 117 -22.64 -11.43 37.85
N ASP B 118 -21.87 -10.35 37.76
CA ASP B 118 -22.40 -8.99 37.78
C ASP B 118 -23.18 -8.74 36.49
N VAL B 119 -24.51 -8.75 36.60
CA VAL B 119 -25.33 -8.57 35.41
C VAL B 119 -25.34 -7.14 34.86
N HIS B 120 -24.72 -6.21 35.60
CA HIS B 120 -24.58 -4.82 35.13
C HIS B 120 -23.10 -4.40 34.91
N ALA B 121 -22.22 -5.36 34.65
CA ALA B 121 -20.79 -5.02 34.39
C ALA B 121 -20.71 -4.19 33.12
N GLN B 122 -19.92 -3.13 33.16
CA GLN B 122 -19.84 -2.19 32.05
C GLN B 122 -18.54 -2.33 31.26
N ALA B 123 -18.66 -2.77 30.01
CA ALA B 123 -17.54 -2.81 29.08
C ALA B 123 -17.39 -1.40 28.49
N ARG B 124 -16.50 -0.62 29.09
CA ARG B 124 -16.30 0.77 28.69
C ARG B 124 -15.32 0.92 27.56
N GLY B 125 -15.73 1.67 26.54
CA GLY B 125 -14.90 1.90 25.37
C GLY B 125 -13.61 2.63 25.67
N ARG B 126 -12.58 2.28 24.92
CA ARG B 126 -11.29 2.94 25.01
C ARG B 126 -11.10 3.76 23.75
N PHE B 127 -10.51 4.93 23.87
CA PHE B 127 -10.17 5.76 22.70
C PHE B 127 -8.75 6.29 22.83
N PHE B 128 -8.14 6.70 21.71
CA PHE B 128 -6.72 7.04 21.65
C PHE B 128 -6.44 8.40 21.02
N GLN B 129 -7.48 9.05 20.52
CA GLN B 129 -7.41 10.44 20.08
C GLN B 129 -7.95 11.37 21.19
N PRO B 130 -7.88 12.72 21.00
CA PRO B 130 -8.38 13.50 22.13
C PRO B 130 -9.91 13.49 22.18
N LYS B 131 -10.51 13.21 21.02
CA LYS B 131 -11.96 13.04 20.92
C LYS B 131 -12.28 11.64 20.41
N ASP B 132 -13.21 10.97 21.08
CA ASP B 132 -13.55 9.57 20.80
C ASP B 132 -13.77 9.29 19.32
N GLU B 133 -12.83 8.54 18.73
CA GLU B 133 -12.87 8.18 17.32
C GLU B 133 -13.90 7.09 17.04
N GLY B 134 -14.44 6.50 18.10
CA GLY B 134 -15.44 5.45 17.96
C GLY B 134 -14.90 4.19 17.31
N GLY B 135 -13.66 3.84 17.64
CA GLY B 135 -13.03 2.63 17.11
C GLY B 135 -13.63 1.33 17.60
N TYR B 136 -14.23 1.35 18.80
CA TYR B 136 -14.88 0.17 19.34
C TYR B 136 -16.34 0.04 18.90
N PHE B 137 -16.87 -1.18 18.90
CA PHE B 137 -18.28 -1.35 18.56
C PHE B 137 -19.12 -1.02 19.79
N TYR B 138 -19.89 0.06 19.72
CA TYR B 138 -20.69 0.45 20.87
C TYR B 138 -22.05 -0.22 20.89
N PHE B 139 -22.33 -0.91 21.99
CA PHE B 139 -23.57 -1.60 22.20
C PHE B 139 -24.23 -1.25 23.53
N GLY B 140 -23.78 -0.18 24.16
CA GLY B 140 -24.36 0.27 25.42
C GLY B 140 -23.75 -0.31 26.70
N GLU B 141 -22.54 -0.87 26.59
CA GLU B 141 -21.72 -1.31 27.73
C GLU B 141 -22.20 -2.52 28.54
N LEU B 142 -23.51 -2.59 28.76
CA LEU B 142 -24.11 -3.53 29.70
C LEU B 142 -24.43 -4.84 29.05
N PRO B 143 -24.43 -5.93 29.85
CA PRO B 143 -24.79 -7.27 29.34
C PRO B 143 -26.18 -7.31 28.71
N LEU B 144 -27.18 -6.67 29.32
CA LEU B 144 -28.50 -6.66 28.70
C LEU B 144 -28.48 -5.89 27.37
N SER B 145 -27.76 -4.76 27.33
CA SER B 145 -27.72 -3.98 26.09
C SER B 145 -26.98 -4.74 24.99
N LEU B 146 -25.92 -5.45 25.37
CA LEU B 146 -25.22 -6.32 24.42
C LEU B 146 -26.13 -7.41 23.85
N ALA B 147 -26.89 -8.08 24.70
CA ALA B 147 -27.80 -9.13 24.23
C ALA B 147 -28.82 -8.59 23.25
N ALA B 148 -29.38 -7.43 23.58
CA ALA B 148 -30.38 -6.82 22.71
C ALA B 148 -29.76 -6.41 21.40
N CYS B 149 -28.57 -5.79 21.45
CA CYS B 149 -27.96 -5.24 20.25
C CYS B 149 -27.43 -6.32 19.33
N THR B 150 -27.30 -7.54 19.87
CA THR B 150 -26.83 -8.67 19.06
C THR B 150 -27.99 -9.59 18.69
N ASN B 151 -29.20 -9.08 18.83
CA ASN B 151 -30.41 -9.78 18.42
C ASN B 151 -30.53 -11.16 19.08
N GLN B 152 -30.50 -11.20 20.41
CA GLN B 152 -30.64 -12.46 21.15
C GLN B 152 -31.76 -12.43 22.20
N PRO B 153 -33.02 -12.55 21.75
CA PRO B 153 -34.22 -12.50 22.60
C PRO B 153 -34.22 -13.49 23.75
N HIS B 154 -33.76 -14.73 23.54
CA HIS B 154 -33.73 -15.71 24.61
C HIS B 154 -32.85 -15.24 25.74
N ILE B 155 -31.72 -14.61 25.39
CA ILE B 155 -30.82 -14.10 26.41
C ILE B 155 -31.38 -12.83 27.06
N VAL B 156 -32.01 -11.98 26.25
CA VAL B 156 -32.73 -10.82 26.81
C VAL B 156 -33.78 -11.31 27.80
N HIS B 157 -34.60 -12.27 27.38
CA HIS B 157 -35.57 -12.86 28.30
C HIS B 157 -34.91 -13.41 29.57
N TYR B 158 -33.88 -14.25 29.43
CA TYR B 158 -33.23 -14.82 30.60
C TYR B 158 -32.70 -13.77 31.57
N LEU B 159 -32.00 -12.79 31.04
CA LEU B 159 -31.32 -11.80 31.90
C LEU B 159 -32.29 -11.00 32.73
N THR B 160 -33.46 -10.74 32.17
CA THR B 160 -34.45 -9.93 32.90
C THR B 160 -35.44 -10.73 33.73
N GLU B 161 -35.53 -12.04 33.50
CA GLU B 161 -36.58 -12.86 34.15
C GLU B 161 -36.11 -13.97 35.08
N ASN B 162 -34.83 -14.34 35.02
CA ASN B 162 -34.28 -15.45 35.81
C ASN B 162 -34.51 -15.31 37.31
N GLY B 163 -34.54 -16.43 38.00
CA GLY B 163 -34.78 -16.42 39.44
C GLY B 163 -33.59 -16.11 40.35
N HIS B 164 -32.42 -15.84 39.79
CA HIS B 164 -31.25 -15.59 40.63
C HIS B 164 -30.86 -14.12 40.71
N LYS B 165 -30.71 -13.50 39.56
CA LYS B 165 -30.31 -12.10 39.50
C LYS B 165 -30.71 -11.48 38.19
N GLN B 166 -31.50 -10.42 38.26
CA GLN B 166 -32.10 -9.83 37.09
C GLN B 166 -31.40 -8.54 36.68
N ALA B 167 -31.05 -8.45 35.40
CA ALA B 167 -30.59 -7.20 34.83
C ALA B 167 -31.78 -6.27 34.77
N ASP B 168 -31.54 -5.01 35.11
CA ASP B 168 -32.56 -3.96 35.11
C ASP B 168 -32.73 -3.34 33.72
N LEU B 169 -33.91 -3.51 33.14
CA LEU B 169 -34.24 -2.87 31.86
C LEU B 169 -34.01 -1.36 31.87
N ARG B 170 -34.13 -0.73 33.04
CA ARG B 170 -34.03 0.72 33.15
C ARG B 170 -32.60 1.20 33.31
N ARG B 171 -31.67 0.26 33.37
CA ARG B 171 -30.28 0.58 33.63
C ARG B 171 -29.71 1.49 32.54
N GLN B 172 -28.80 2.37 32.96
CA GLN B 172 -28.12 3.30 32.05
C GLN B 172 -26.62 3.12 32.12
N ASP B 173 -25.95 3.19 30.98
CA ASP B 173 -24.49 3.04 30.98
C ASP B 173 -23.76 4.36 31.28
N SER B 174 -22.46 4.40 31.00
CA SER B 174 -21.66 5.58 31.34
C SER B 174 -22.06 6.81 30.53
N ARG B 175 -22.78 6.59 29.43
CA ARG B 175 -23.26 7.72 28.63
C ARG B 175 -24.67 8.13 29.03
N GLY B 176 -25.23 7.44 30.02
CA GLY B 176 -26.63 7.66 30.39
C GLY B 176 -27.59 6.93 29.46
N ASN B 177 -27.04 6.06 28.62
CA ASN B 177 -27.83 5.32 27.64
C ASN B 177 -28.49 4.06 28.16
N THR B 178 -29.82 3.97 28.00
CA THR B 178 -30.49 2.71 28.27
C THR B 178 -30.33 1.81 27.05
N VAL B 179 -30.82 0.59 27.16
CA VAL B 179 -30.85 -0.32 26.04
C VAL B 179 -31.61 0.28 24.84
N LEU B 180 -32.60 1.15 25.08
CA LEU B 180 -33.28 1.75 23.95
C LEU B 180 -32.35 2.70 23.22
N HIS B 181 -31.57 3.48 23.95
CA HIS B 181 -30.57 4.33 23.31
C HIS B 181 -29.55 3.48 22.56
N ALA B 182 -29.18 2.35 23.15
CA ALA B 182 -28.17 1.49 22.56
C ALA B 182 -28.67 0.94 21.24
N LEU B 183 -29.95 0.60 21.18
CA LEU B 183 -30.54 0.14 19.94
C LEU B 183 -30.54 1.23 18.87
N VAL B 184 -30.74 2.49 19.27
CA VAL B 184 -30.67 3.59 18.32
C VAL B 184 -29.25 3.75 17.78
N ALA B 185 -28.28 3.60 18.66
CA ALA B 185 -26.88 3.68 18.28
C ALA B 185 -26.48 2.66 17.21
N ILE B 186 -26.96 1.43 17.36
CA ILE B 186 -26.50 0.38 16.45
C ILE B 186 -27.36 0.32 15.20
N ALA B 187 -28.38 1.16 15.14
CA ALA B 187 -29.24 1.18 13.96
C ALA B 187 -28.48 1.80 12.77
N ASP B 188 -28.68 1.28 11.57
CA ASP B 188 -27.93 1.78 10.41
C ASP B 188 -28.81 2.11 9.21
N ASN B 189 -30.11 2.03 9.42
CA ASN B 189 -31.11 2.34 8.41
C ASN B 189 -31.17 1.33 7.26
N THR B 190 -30.54 0.17 7.42
CA THR B 190 -30.67 -0.90 6.43
C THR B 190 -31.81 -1.82 6.86
N ARG B 191 -32.35 -2.59 5.92
CA ARG B 191 -33.66 -3.23 6.10
C ARG B 191 -33.71 -4.25 7.23
N GLU B 192 -32.76 -5.17 7.25
CA GLU B 192 -32.81 -6.26 8.22
C GLU B 192 -32.46 -5.73 9.61
N ASN B 193 -31.57 -4.75 9.66
CA ASN B 193 -31.19 -4.06 10.89
C ASN B 193 -32.37 -3.31 11.48
N THR B 194 -33.00 -2.46 10.65
CA THR B 194 -34.19 -1.71 11.04
C THR B 194 -35.28 -2.65 11.53
N LYS B 195 -35.34 -3.84 10.92
CA LYS B 195 -36.35 -4.82 11.29
C LYS B 195 -36.18 -5.40 12.70
N PHE B 196 -34.96 -5.74 13.11
CA PHE B 196 -34.79 -6.38 14.41
C PHE B 196 -34.69 -5.33 15.51
N VAL B 197 -34.13 -4.18 15.15
CA VAL B 197 -34.01 -3.05 16.09
C VAL B 197 -35.36 -2.55 16.56
N THR B 198 -36.27 -2.30 15.63
CA THR B 198 -37.60 -1.85 16.00
C THR B 198 -38.31 -2.93 16.80
N LYS B 199 -38.09 -4.19 16.45
CA LYS B 199 -38.73 -5.29 17.17
C LYS B 199 -38.20 -5.44 18.57
N MET B 200 -36.88 -5.34 18.72
CA MET B 200 -36.24 -5.44 20.01
C MET B 200 -36.68 -4.25 20.87
N TYR B 201 -36.69 -3.05 20.26
CA TYR B 201 -37.18 -1.82 20.90
C TYR B 201 -38.60 -1.96 21.45
N ASP B 202 -39.54 -2.40 20.60
CA ASP B 202 -40.92 -2.56 21.05
C ASP B 202 -41.05 -3.61 22.15
N LEU B 203 -40.35 -4.73 21.98
CA LEU B 203 -40.35 -5.79 22.97
C LEU B 203 -39.92 -5.32 24.36
N LEU B 204 -38.85 -4.55 24.42
CA LEU B 204 -38.34 -4.08 25.70
C LEU B 204 -39.20 -2.98 26.32
N LEU B 205 -39.68 -2.08 25.47
CA LEU B 205 -40.52 -0.98 25.92
C LEU B 205 -41.76 -1.56 26.57
N ILE B 206 -42.40 -2.48 25.86
CA ILE B 206 -43.60 -3.15 26.36
C ILE B 206 -43.31 -3.93 27.65
N LYS B 207 -42.19 -4.63 27.67
CA LYS B 207 -41.80 -5.39 28.86
C LYS B 207 -41.49 -4.50 30.06
N CYS B 208 -40.92 -3.33 29.83
CA CYS B 208 -40.67 -2.41 30.93
C CYS B 208 -41.96 -1.92 31.55
N ALA B 209 -42.93 -1.62 30.70
CA ALA B 209 -44.23 -1.12 31.12
C ALA B 209 -44.92 -2.12 32.04
N LYS B 210 -44.79 -3.40 31.69
CA LYS B 210 -45.35 -4.49 32.47
C LYS B 210 -44.80 -4.56 33.89
N LEU B 211 -43.48 -4.63 33.98
CA LEU B 211 -42.77 -4.88 35.23
C LEU B 211 -42.75 -3.64 36.13
N PHE B 212 -42.47 -2.51 35.51
CA PHE B 212 -42.39 -1.26 36.25
C PHE B 212 -43.40 -0.33 35.60
N PRO B 213 -44.67 -0.43 36.01
CA PRO B 213 -45.79 0.31 35.39
C PRO B 213 -45.70 1.82 35.61
N ASP B 214 -44.88 2.24 36.56
CA ASP B 214 -44.63 3.66 36.79
C ASP B 214 -43.69 4.23 35.72
N THR B 215 -43.18 3.37 34.84
CA THR B 215 -42.04 3.75 34.02
C THR B 215 -42.26 3.69 32.51
N ASN B 216 -41.98 4.81 31.85
CA ASN B 216 -41.90 4.89 30.40
C ASN B 216 -40.43 4.83 30.00
N LEU B 217 -40.01 3.66 29.55
CA LEU B 217 -38.59 3.46 29.30
C LEU B 217 -38.05 4.42 28.27
N GLU B 218 -38.86 4.79 27.29
CA GLU B 218 -38.36 5.68 26.24
C GLU B 218 -38.38 7.15 26.61
N ALA B 219 -38.78 7.45 27.84
CA ALA B 219 -38.76 8.81 28.34
C ALA B 219 -37.44 9.10 29.05
N LEU B 220 -36.70 8.05 29.41
CA LEU B 220 -35.47 8.23 30.19
C LEU B 220 -34.39 8.89 29.34
N LEU B 221 -33.70 9.88 29.90
CA LEU B 221 -32.76 10.68 29.14
C LEU B 221 -31.30 10.26 29.32
N ASN B 222 -30.52 10.32 28.24
CA ASN B 222 -29.10 10.12 28.38
C ASN B 222 -28.42 11.42 28.79
N ASN B 223 -27.09 11.37 28.91
CA ASN B 223 -26.35 12.50 29.41
C ASN B 223 -26.23 13.67 28.45
N ASP B 224 -26.68 13.46 27.21
CA ASP B 224 -26.86 14.57 26.28
C ASP B 224 -28.25 15.16 26.46
N GLY B 225 -29.01 14.61 27.40
CA GLY B 225 -30.37 15.06 27.61
C GLY B 225 -31.35 14.58 26.56
N LEU B 226 -30.98 13.53 25.84
CA LEU B 226 -31.81 13.06 24.73
C LEU B 226 -32.56 11.78 25.05
N SER B 227 -33.82 11.70 24.63
CA SER B 227 -34.53 10.42 24.69
C SER B 227 -34.09 9.62 23.48
N PRO B 228 -34.39 8.31 23.46
CA PRO B 228 -34.04 7.56 22.24
C PRO B 228 -34.64 8.17 20.97
N LEU B 229 -35.88 8.63 21.05
CA LEU B 229 -36.47 9.28 19.91
C LEU B 229 -35.61 10.46 19.44
N MET B 230 -35.19 11.33 20.36
CA MET B 230 -34.46 12.52 19.92
C MET B 230 -33.05 12.19 19.43
N MET B 231 -32.40 11.22 20.07
CA MET B 231 -31.12 10.70 19.60
C MET B 231 -31.27 10.13 18.20
N ALA B 232 -32.37 9.43 17.96
CA ALA B 232 -32.61 8.88 16.64
C ALA B 232 -32.70 9.97 15.57
N ALA B 233 -33.29 11.10 15.93
CA ALA B 233 -33.45 12.21 15.00
C ALA B 233 -32.10 12.87 14.76
N LYS B 234 -31.34 13.07 15.84
CA LYS B 234 -30.07 13.75 15.74
C LYS B 234 -28.99 12.98 14.97
N THR B 235 -29.04 11.65 15.04
CA THR B 235 -27.99 10.81 14.44
C THR B 235 -28.44 10.13 13.16
N GLY B 236 -29.53 10.63 12.60
CA GLY B 236 -30.00 10.21 11.28
C GLY B 236 -30.53 8.82 11.17
N LYS B 237 -30.96 8.25 12.28
CA LYS B 237 -31.48 6.89 12.24
C LYS B 237 -32.95 6.91 11.83
N ILE B 238 -33.18 7.16 10.54
CA ILE B 238 -34.51 7.39 9.98
C ILE B 238 -35.48 6.25 10.30
N GLY B 239 -35.03 5.01 10.11
CA GLY B 239 -35.88 3.84 10.26
C GLY B 239 -36.48 3.66 11.64
N ILE B 240 -35.67 3.86 12.68
CA ILE B 240 -36.15 3.68 14.05
C ILE B 240 -36.97 4.90 14.49
N PHE B 241 -36.53 6.09 14.07
CA PHE B 241 -37.24 7.34 14.34
C PHE B 241 -38.69 7.28 13.87
N GLN B 242 -38.91 6.94 12.61
CA GLN B 242 -40.27 6.86 12.08
C GLN B 242 -41.13 5.80 12.75
N HIS B 243 -40.52 4.68 13.10
CA HIS B 243 -41.25 3.59 13.74
C HIS B 243 -41.73 4.02 15.11
N ILE B 244 -40.91 4.82 15.79
CA ILE B 244 -41.26 5.30 17.11
C ILE B 244 -42.38 6.34 16.97
N ILE B 245 -42.29 7.21 15.98
CA ILE B 245 -43.32 8.22 15.74
C ILE B 245 -44.69 7.59 15.56
N ARG B 246 -44.78 6.63 14.64
CA ARG B 246 -46.03 5.96 14.37
C ARG B 246 -46.58 5.17 15.55
N ARG B 247 -45.69 4.74 16.44
CA ARG B 247 -46.14 4.01 17.62
C ARG B 247 -46.62 5.05 18.61
N GLU B 248 -45.92 6.18 18.64
CA GLU B 248 -46.31 7.33 19.44
C GLU B 248 -47.63 7.89 18.91
N ILE B 249 -47.73 7.99 17.59
CA ILE B 249 -48.99 8.40 16.98
C ILE B 249 -50.10 7.39 17.23
N ALA B 250 -49.86 6.12 16.88
CA ALA B 250 -50.93 5.12 17.01
C ALA B 250 -51.36 4.83 18.44
N ASP B 251 -50.40 4.66 19.34
CA ASP B 251 -50.71 4.23 20.70
C ASP B 251 -51.31 5.30 21.60
N ALA B 252 -50.86 6.55 21.44
CA ALA B 252 -51.38 7.62 22.27
C ALA B 252 -52.76 8.02 21.76
N ALA B 253 -52.91 8.07 20.44
CA ALA B 253 -54.17 8.40 19.80
C ALA B 253 -55.26 7.38 20.11
N ALA B 254 -54.87 6.16 20.43
CA ALA B 254 -55.83 5.10 20.69
C ALA B 254 -56.65 5.38 21.95
N HIS B 255 -56.02 6.05 22.90
CA HIS B 255 -56.65 6.36 24.20
C HIS B 255 -57.61 7.53 24.09
N LYS C 2 -49.03 38.53 -13.85
CA LYS C 2 -48.52 37.69 -14.93
C LYS C 2 -48.61 36.23 -14.53
N VAL C 3 -49.08 35.39 -15.45
CA VAL C 3 -49.25 33.96 -15.16
C VAL C 3 -48.26 33.08 -15.94
N PHE C 4 -47.65 32.11 -15.25
CA PHE C 4 -46.68 31.20 -15.85
C PHE C 4 -47.22 29.77 -15.79
N ASN C 5 -46.87 28.96 -16.79
CA ASN C 5 -47.08 27.52 -16.72
C ASN C 5 -45.87 26.84 -17.33
N ARG C 6 -45.91 25.52 -17.49
CA ARG C 6 -44.73 24.79 -17.97
C ARG C 6 -44.23 25.17 -19.36
N PRO C 7 -45.12 25.15 -20.38
CA PRO C 7 -44.61 25.47 -21.71
C PRO C 7 -44.02 26.89 -21.82
N ILE C 8 -44.58 27.85 -21.09
CA ILE C 8 -44.04 29.21 -21.09
C ILE C 8 -42.63 29.17 -20.50
N LEU C 9 -42.52 28.54 -19.33
CA LEU C 9 -41.26 28.37 -18.60
C LEU C 9 -40.15 27.65 -19.36
N PHE C 10 -40.45 26.51 -19.96
CA PHE C 10 -39.46 25.74 -20.70
C PHE C 10 -38.97 26.52 -21.92
N ASP C 11 -39.87 27.30 -22.52
CA ASP C 11 -39.50 28.22 -23.59
C ASP C 11 -38.50 29.28 -23.12
N ILE C 12 -38.81 29.92 -22.00
CA ILE C 12 -37.97 30.94 -21.40
C ILE C 12 -36.60 30.35 -21.08
N VAL C 13 -36.67 29.21 -20.40
CA VAL C 13 -35.49 28.51 -19.90
C VAL C 13 -34.61 27.93 -21.01
N SER C 14 -35.24 27.27 -21.99
CA SER C 14 -34.49 26.69 -23.12
C SER C 14 -33.97 27.72 -24.12
N ARG C 15 -34.61 28.89 -24.20
CA ARG C 15 -34.08 29.95 -25.06
C ARG C 15 -32.95 30.66 -24.33
N GLY C 16 -33.04 30.66 -23.00
CA GLY C 16 -32.03 31.27 -22.17
C GLY C 16 -32.16 32.78 -22.10
N SER C 17 -33.40 33.23 -21.93
CA SER C 17 -33.70 34.67 -21.86
C SER C 17 -33.97 35.03 -20.40
N PRO C 18 -32.98 35.66 -19.74
CA PRO C 18 -33.10 36.02 -18.33
C PRO C 18 -34.27 36.97 -18.05
N ASP C 19 -34.62 37.80 -19.02
CA ASP C 19 -35.74 38.73 -18.88
C ASP C 19 -37.10 38.05 -18.79
N GLY C 20 -37.24 36.88 -19.41
CA GLY C 20 -38.51 36.17 -19.42
C GLY C 20 -39.04 35.77 -18.06
N LEU C 21 -38.14 35.69 -17.09
CA LEU C 21 -38.50 35.26 -15.73
C LEU C 21 -38.95 36.43 -14.86
N GLU C 22 -39.12 37.58 -15.50
CA GLU C 22 -39.78 38.71 -14.86
C GLU C 22 -41.17 38.25 -14.43
N GLY C 23 -41.51 38.47 -13.17
CA GLY C 23 -42.84 38.10 -12.72
C GLY C 23 -42.95 36.71 -12.16
N LEU C 24 -41.92 35.89 -12.38
CA LEU C 24 -41.93 34.49 -11.92
C LEU C 24 -41.90 34.39 -10.39
N LEU C 25 -41.04 35.18 -9.75
CA LEU C 25 -41.00 35.25 -8.28
C LEU C 25 -42.35 35.62 -7.66
N SER C 26 -42.87 36.78 -8.06
CA SER C 26 -44.14 37.28 -7.55
C SER C 26 -45.26 36.28 -7.81
N PHE C 27 -45.23 35.68 -8.99
CA PHE C 27 -46.20 34.68 -9.37
C PHE C 27 -46.21 33.46 -8.45
N LEU C 28 -45.03 32.86 -8.27
CA LEU C 28 -44.89 31.63 -7.51
C LEU C 28 -45.35 31.75 -6.06
N LEU C 29 -45.04 32.87 -5.42
CA LEU C 29 -45.41 33.07 -4.03
C LEU C 29 -46.92 33.12 -3.81
N THR C 30 -47.65 33.74 -4.73
CA THR C 30 -49.10 33.92 -4.58
C THR C 30 -49.95 32.65 -4.65
N HIS C 31 -49.66 31.78 -5.63
CA HIS C 31 -50.44 30.56 -5.79
C HIS C 31 -49.89 29.49 -4.86
N LYS C 32 -48.99 29.93 -3.99
CA LYS C 32 -48.34 29.08 -3.01
C LYS C 32 -47.71 27.89 -3.70
N LYS C 33 -46.99 28.15 -4.80
CA LYS C 33 -46.35 27.08 -5.58
C LYS C 33 -44.82 27.07 -5.67
N ARG C 34 -44.32 25.95 -6.20
CA ARG C 34 -42.90 25.64 -6.29
C ARG C 34 -42.45 25.11 -7.65
N LEU C 35 -41.18 25.40 -7.97
CA LEU C 35 -40.56 24.94 -9.20
C LEU C 35 -40.35 23.41 -9.24
N THR C 36 -40.61 22.74 -8.11
CA THR C 36 -40.56 21.28 -8.05
C THR C 36 -41.88 20.53 -8.33
N ASP C 37 -43.00 21.25 -8.35
CA ASP C 37 -44.31 20.61 -8.57
C ASP C 37 -44.38 19.91 -9.93
N GLU C 38 -45.22 18.87 -10.05
CA GLU C 38 -45.34 18.13 -11.31
C GLU C 38 -45.66 19.05 -12.50
N GLU C 39 -46.50 20.04 -12.26
CA GLU C 39 -46.94 20.97 -13.30
C GLU C 39 -45.78 21.79 -13.88
N PHE C 40 -44.62 21.74 -13.22
CA PHE C 40 -43.41 22.42 -13.70
C PHE C 40 -42.28 21.42 -14.03
N ARG C 41 -42.66 20.15 -14.18
CA ARG C 41 -41.74 19.10 -14.59
C ARG C 41 -42.13 18.49 -15.93
N GLU C 42 -41.12 18.20 -16.74
CA GLU C 42 -41.32 17.50 -18.01
C GLU C 42 -41.86 16.11 -17.70
N PRO C 43 -43.08 15.83 -18.16
CA PRO C 43 -43.81 14.59 -17.83
C PRO C 43 -43.05 13.31 -18.14
N SER C 44 -42.26 13.32 -19.21
CA SER C 44 -41.59 12.11 -19.69
C SER C 44 -40.27 11.82 -18.97
N THR C 45 -39.78 12.79 -18.20
CA THR C 45 -38.47 12.68 -17.55
C THR C 45 -38.48 13.03 -16.06
N GLY C 46 -39.29 14.01 -15.69
CA GLY C 46 -39.24 14.54 -14.34
C GLY C 46 -38.34 15.77 -14.24
N LYS C 47 -37.72 16.15 -15.36
CA LYS C 47 -36.84 17.32 -15.41
C LYS C 47 -37.53 18.60 -14.96
N THR C 48 -36.89 19.32 -14.04
CA THR C 48 -37.30 20.68 -13.75
C THR C 48 -36.67 21.60 -14.78
N CYS C 49 -36.92 22.90 -14.66
CA CYS C 49 -36.38 23.88 -15.59
C CYS C 49 -34.86 24.05 -15.49
N LEU C 50 -34.26 23.51 -14.43
CA LEU C 50 -32.81 23.65 -14.29
C LEU C 50 -32.00 22.81 -15.30
N PRO C 51 -32.33 21.51 -15.47
CA PRO C 51 -31.73 20.73 -16.56
C PRO C 51 -31.98 21.27 -17.97
N LYS C 52 -33.22 21.68 -18.26
CA LYS C 52 -33.55 22.28 -19.56
C LYS C 52 -32.61 23.46 -19.83
N ALA C 53 -32.43 24.30 -18.82
CA ALA C 53 -31.47 25.42 -18.88
C ALA C 53 -30.05 24.95 -19.18
N LEU C 54 -29.61 23.93 -18.46
CA LEU C 54 -28.26 23.40 -18.62
C LEU C 54 -28.03 22.62 -19.91
N LEU C 55 -29.08 22.03 -20.47
CA LEU C 55 -28.97 21.33 -21.73
C LEU C 55 -29.16 22.29 -22.88
N ASN C 56 -29.41 23.56 -22.56
CA ASN C 56 -29.55 24.59 -23.58
C ASN C 56 -28.61 25.77 -23.32
N LEU C 57 -27.33 25.54 -23.59
CA LEU C 57 -26.31 26.54 -23.32
C LEU C 57 -25.88 27.24 -24.60
N SER C 58 -25.63 28.54 -24.48
CA SER C 58 -25.09 29.33 -25.58
C SER C 58 -23.82 30.01 -25.08
N ALA C 59 -22.69 29.71 -25.73
CA ALA C 59 -21.39 30.18 -25.27
C ALA C 59 -21.12 29.76 -23.82
N GLY C 60 -21.54 28.54 -23.46
CA GLY C 60 -21.29 28.01 -22.13
C GLY C 60 -22.14 28.65 -21.03
N ARG C 61 -23.07 29.49 -21.43
CA ARG C 61 -23.89 30.25 -20.49
C ARG C 61 -25.38 30.01 -20.65
N ASN C 62 -26.10 30.04 -19.54
CA ASN C 62 -27.54 30.17 -19.58
C ASN C 62 -27.94 31.03 -18.39
N ASP C 63 -28.11 32.32 -18.63
CA ASP C 63 -28.28 33.31 -17.57
C ASP C 63 -29.58 33.22 -16.75
N THR C 64 -30.44 32.25 -17.07
CA THR C 64 -31.60 31.97 -16.21
C THR C 64 -31.19 31.20 -14.94
N ILE C 65 -30.08 30.48 -15.02
CA ILE C 65 -29.66 29.58 -13.92
C ILE C 65 -29.55 30.31 -12.58
N PRO C 66 -28.79 31.43 -12.52
CA PRO C 66 -28.76 32.14 -11.25
C PRO C 66 -30.14 32.61 -10.80
N ILE C 67 -30.98 33.03 -11.74
CA ILE C 67 -32.33 33.47 -11.41
C ILE C 67 -33.18 32.30 -10.89
N LEU C 68 -33.11 31.17 -11.58
CA LEU C 68 -33.85 29.98 -11.15
C LEU C 68 -33.44 29.50 -9.75
N LEU C 69 -32.15 29.60 -9.44
CA LEU C 69 -31.69 29.27 -8.08
C LEU C 69 -32.14 30.26 -7.03
N ASP C 70 -32.11 31.55 -7.35
CA ASP C 70 -32.51 32.57 -6.40
C ASP C 70 -34.01 32.51 -6.16
N ILE C 71 -34.76 32.22 -7.22
CA ILE C 71 -36.21 32.02 -7.10
C ILE C 71 -36.51 30.81 -6.23
N ALA C 72 -35.82 29.71 -6.47
CA ALA C 72 -36.01 28.50 -5.66
C ALA C 72 -35.75 28.78 -4.18
N GLU C 73 -34.73 29.57 -3.89
CA GLU C 73 -34.44 29.98 -2.52
C GLU C 73 -35.58 30.77 -1.89
N LYS C 74 -36.05 31.79 -2.62
CA LYS C 74 -37.09 32.69 -2.12
C LYS C 74 -38.46 32.06 -2.21
N THR C 75 -38.58 31.01 -3.02
CA THR C 75 -39.81 30.26 -3.12
C THR C 75 -39.60 28.99 -2.32
N GLY C 76 -38.54 29.01 -1.52
CA GLY C 76 -38.26 27.98 -0.54
C GLY C 76 -38.00 26.58 -1.01
N ASN C 77 -36.99 26.41 -1.86
CA ASN C 77 -36.87 25.19 -2.61
C ASN C 77 -35.45 24.81 -3.02
N MET C 78 -34.46 25.62 -2.64
CA MET C 78 -33.18 25.58 -3.35
C MET C 78 -32.41 24.26 -3.26
N ARG C 79 -32.31 23.67 -2.07
CA ARG C 79 -31.59 22.41 -1.96
C ARG C 79 -32.29 21.27 -2.71
N GLU C 80 -33.58 21.09 -2.50
CA GLU C 80 -34.32 20.05 -3.21
C GLU C 80 -34.51 20.33 -4.72
N PHE C 81 -34.62 21.60 -5.08
CA PHE C 81 -34.79 21.96 -6.49
C PHE C 81 -33.60 21.49 -7.27
N ILE C 82 -32.42 21.79 -6.74
CA ILE C 82 -31.15 21.42 -7.35
C ILE C 82 -31.02 19.90 -7.55
N ASN C 83 -31.52 19.13 -6.59
CA ASN C 83 -31.30 17.69 -6.58
C ASN C 83 -32.45 16.89 -7.17
N SER C 84 -33.37 17.56 -7.83
CA SER C 84 -34.55 16.89 -8.38
C SER C 84 -34.15 15.90 -9.48
N PRO C 85 -34.47 14.62 -9.25
CA PRO C 85 -34.02 13.54 -10.14
C PRO C 85 -34.87 13.42 -11.38
N PHE C 86 -34.24 12.98 -12.47
CA PHE C 86 -34.96 12.67 -13.68
C PHE C 86 -34.41 11.39 -14.30
N ARG C 87 -35.11 10.89 -15.30
CA ARG C 87 -34.74 9.64 -15.95
C ARG C 87 -35.00 9.70 -17.44
N ASP C 88 -34.38 8.76 -18.15
CA ASP C 88 -34.66 8.53 -19.55
C ASP C 88 -34.56 7.05 -19.82
N VAL C 89 -34.24 6.69 -21.05
CA VAL C 89 -34.01 5.30 -21.39
C VAL C 89 -32.70 4.81 -20.80
N TYR C 90 -31.84 5.75 -20.43
CA TYR C 90 -30.45 5.41 -20.17
C TYR C 90 -30.13 5.33 -18.67
N TYR C 91 -30.52 6.36 -17.92
CA TYR C 91 -30.28 6.39 -16.49
C TYR C 91 -31.51 6.82 -15.71
N ARG C 92 -31.61 6.40 -14.45
CA ARG C 92 -32.52 7.03 -13.52
C ARG C 92 -31.71 7.74 -12.43
N GLY C 93 -32.35 8.65 -11.71
CA GLY C 93 -31.65 9.38 -10.66
C GLY C 93 -30.65 10.46 -11.09
N GLN C 94 -30.64 10.80 -12.38
CA GLN C 94 -29.84 11.93 -12.88
C GLN C 94 -30.17 13.27 -12.21
N THR C 95 -29.16 14.13 -12.05
CA THR C 95 -29.38 15.46 -11.48
C THR C 95 -28.77 16.56 -12.32
N ALA C 96 -29.08 17.80 -11.95
CA ALA C 96 -28.48 18.98 -12.58
C ALA C 96 -26.95 18.93 -12.49
N LEU C 97 -26.43 18.47 -11.36
CA LEU C 97 -24.99 18.41 -11.17
C LEU C 97 -24.37 17.50 -12.22
N HIS C 98 -25.01 16.36 -12.49
CA HIS C 98 -24.54 15.45 -13.52
C HIS C 98 -24.47 16.14 -14.88
N ILE C 99 -25.54 16.85 -15.23
CA ILE C 99 -25.61 17.55 -16.51
C ILE C 99 -24.54 18.61 -16.57
N ALA C 100 -24.43 19.38 -15.50
CA ALA C 100 -23.43 20.44 -15.44
C ALA C 100 -22.02 19.89 -15.63
N ILE C 101 -21.75 18.73 -15.04
CA ILE C 101 -20.46 18.07 -15.22
C ILE C 101 -20.34 17.49 -16.63
N GLU C 102 -21.40 16.82 -17.05
CA GLU C 102 -21.43 16.09 -18.33
C GLU C 102 -21.27 17.10 -19.46
N ARG C 103 -21.77 18.32 -19.24
CA ARG C 103 -21.65 19.44 -20.18
C ARG C 103 -20.40 20.31 -20.00
N ARG C 104 -19.52 19.93 -19.06
CA ARG C 104 -18.24 20.62 -18.85
C ARG C 104 -18.32 22.10 -18.41
N CYS C 105 -19.27 22.42 -17.54
CA CYS C 105 -19.44 23.79 -17.05
C CYS C 105 -18.93 23.97 -15.62
N LYS C 106 -17.65 24.28 -15.47
CA LYS C 106 -17.04 24.39 -14.15
C LYS C 106 -17.79 25.35 -13.24
N HIS C 107 -18.16 26.51 -13.79
CA HIS C 107 -18.79 27.56 -12.99
C HIS C 107 -20.15 27.09 -12.46
N TYR C 108 -20.91 26.41 -13.31
CA TYR C 108 -22.20 25.85 -12.92
C TYR C 108 -22.09 24.72 -11.90
N VAL C 109 -21.04 23.91 -12.04
CA VAL C 109 -20.71 22.91 -11.04
C VAL C 109 -20.47 23.58 -9.70
N GLU C 110 -19.59 24.58 -9.69
CA GLU C 110 -19.27 25.28 -8.46
C GLU C 110 -20.54 25.89 -7.92
N LEU C 111 -21.31 26.53 -8.80
CA LEU C 111 -22.56 27.16 -8.40
C LEU C 111 -23.52 26.17 -7.73
N LEU C 112 -23.76 25.03 -8.37
CA LEU C 112 -24.71 24.03 -7.86
C LEU C 112 -24.32 23.33 -6.56
N VAL C 113 -23.03 23.00 -6.41
CA VAL C 113 -22.53 22.46 -5.14
C VAL C 113 -22.46 23.53 -4.04
N GLU C 114 -22.04 24.74 -4.41
CA GLU C 114 -22.03 25.87 -3.49
C GLU C 114 -23.40 26.10 -2.87
N LYS C 115 -24.43 25.65 -3.60
CA LYS C 115 -25.82 25.87 -3.19
C LYS C 115 -26.57 24.58 -2.81
N GLY C 116 -25.84 23.48 -2.69
CA GLY C 116 -26.37 22.28 -2.04
C GLY C 116 -26.67 21.03 -2.84
N ALA C 117 -26.13 20.92 -4.03
CA ALA C 117 -26.27 19.69 -4.83
C ALA C 117 -25.79 18.41 -4.11
N ASP C 118 -26.50 17.30 -4.34
CA ASP C 118 -26.12 15.99 -3.81
C ASP C 118 -24.85 15.53 -4.54
N VAL C 119 -23.69 15.64 -3.90
CA VAL C 119 -22.44 15.29 -4.58
C VAL C 119 -22.29 13.80 -4.78
N HIS C 120 -23.13 13.01 -4.11
CA HIS C 120 -23.07 11.56 -4.27
C HIS C 120 -24.32 11.04 -4.95
N ALA C 121 -25.02 11.90 -5.67
CA ALA C 121 -26.19 11.48 -6.42
C ALA C 121 -25.78 10.45 -7.45
N GLN C 122 -26.52 9.35 -7.51
CA GLN C 122 -26.18 8.26 -8.42
C GLN C 122 -27.09 8.17 -9.63
N ALA C 123 -26.50 8.39 -10.80
CA ALA C 123 -27.19 8.17 -12.06
C ALA C 123 -27.12 6.70 -12.39
N ARG C 124 -28.14 5.95 -11.98
CA ARG C 124 -28.12 4.50 -12.16
C ARG C 124 -28.62 4.14 -13.54
N GLY C 125 -27.82 3.33 -14.24
CA GLY C 125 -28.18 2.87 -15.55
C GLY C 125 -29.43 2.04 -15.43
N ARG C 126 -30.26 2.05 -16.47
CA ARG C 126 -31.47 1.28 -16.45
C ARG C 126 -31.30 0.10 -17.39
N PHE C 127 -31.76 -1.06 -16.94
CA PHE C 127 -31.56 -2.30 -17.66
C PHE C 127 -32.92 -2.89 -17.96
N PHE C 128 -33.02 -3.60 -19.08
CA PHE C 128 -34.33 -4.06 -19.50
C PHE C 128 -34.28 -5.47 -20.08
N TYR C 136 -25.43 2.04 -23.28
CA TYR C 136 -25.37 3.35 -22.65
C TYR C 136 -23.95 3.54 -22.11
N PHE C 137 -23.56 4.79 -21.87
CA PHE C 137 -22.23 5.12 -21.37
C PHE C 137 -22.14 5.00 -19.84
N TYR C 138 -21.44 3.99 -19.35
CA TYR C 138 -21.23 3.79 -17.91
C TYR C 138 -19.98 4.53 -17.47
N PHE C 139 -20.12 5.32 -16.41
CA PHE C 139 -19.01 6.09 -15.88
C PHE C 139 -18.93 6.00 -14.37
N GLY C 140 -19.63 5.03 -13.79
CA GLY C 140 -19.60 4.82 -12.34
C GLY C 140 -20.61 5.59 -11.52
N GLU C 141 -21.69 6.06 -12.16
CA GLU C 141 -22.85 6.67 -11.48
C GLU C 141 -22.63 8.04 -10.81
N LEU C 142 -21.48 8.22 -10.16
CA LEU C 142 -21.24 9.38 -9.30
C LEU C 142 -20.65 10.55 -10.07
N PRO C 143 -20.93 11.79 -9.59
CA PRO C 143 -20.39 13.03 -10.15
C PRO C 143 -18.86 13.09 -10.19
N LEU C 144 -18.19 12.69 -9.12
CA LEU C 144 -16.74 12.67 -9.12
C LEU C 144 -16.24 11.72 -10.20
N SER C 145 -16.88 10.55 -10.28
CA SER C 145 -16.53 9.54 -11.26
C SER C 145 -16.84 9.98 -12.68
N LEU C 146 -17.94 10.70 -12.86
CA LEU C 146 -18.26 11.30 -14.14
C LEU C 146 -17.19 12.30 -14.56
N ALA C 147 -16.82 13.19 -13.63
CA ALA C 147 -15.80 14.19 -13.91
C ALA C 147 -14.47 13.53 -14.28
N ALA C 148 -14.12 12.47 -13.56
CA ALA C 148 -12.91 11.72 -13.87
C ALA C 148 -13.04 11.03 -15.22
N CYS C 149 -14.17 10.38 -15.46
CA CYS C 149 -14.34 9.58 -16.67
C CYS C 149 -14.49 10.43 -17.92
N THR C 150 -14.76 11.71 -17.75
CA THR C 150 -14.88 12.62 -18.89
C THR C 150 -13.66 13.52 -19.00
N ASN C 151 -12.57 13.14 -18.33
CA ASN C 151 -11.31 13.89 -18.41
C ASN C 151 -11.43 15.35 -17.98
N GLN C 152 -11.87 15.60 -16.76
CA GLN C 152 -11.96 16.96 -16.23
C GLN C 152 -11.26 17.15 -14.90
N PRO C 153 -9.93 17.30 -14.94
CA PRO C 153 -9.11 17.42 -13.72
C PRO C 153 -9.52 18.56 -12.79
N HIS C 154 -9.84 19.74 -13.35
CA HIS C 154 -10.21 20.90 -12.55
C HIS C 154 -11.48 20.63 -11.73
N ILE C 155 -12.41 19.89 -12.32
CA ILE C 155 -13.66 19.53 -11.63
C ILE C 155 -13.44 18.45 -10.58
N VAL C 156 -12.58 17.48 -10.91
CA VAL C 156 -12.16 16.46 -9.96
C VAL C 156 -11.56 17.16 -8.75
N HIS C 157 -10.66 18.10 -9.03
CA HIS C 157 -10.09 18.95 -7.99
C HIS C 157 -11.16 19.68 -7.16
N TYR C 158 -12.09 20.40 -7.80
CA TYR C 158 -13.13 21.15 -7.07
C TYR C 158 -13.92 20.25 -6.14
N LEU C 159 -14.40 19.15 -6.70
CA LEU C 159 -15.27 18.22 -6.00
C LEU C 159 -14.57 17.64 -4.77
N THR C 160 -13.25 17.49 -4.87
CA THR C 160 -12.44 16.97 -3.78
C THR C 160 -11.89 18.02 -2.80
N GLU C 161 -11.94 19.31 -3.15
CA GLU C 161 -11.41 20.34 -2.26
C GLU C 161 -12.40 21.40 -1.78
N ASN C 162 -13.56 21.50 -2.44
CA ASN C 162 -14.47 22.61 -2.15
C ASN C 162 -14.83 22.71 -0.67
N GLY C 163 -14.99 23.95 -0.21
CA GLY C 163 -15.26 24.20 1.20
C GLY C 163 -16.70 24.03 1.61
N HIS C 164 -17.55 23.63 0.66
CA HIS C 164 -18.98 23.56 0.93
C HIS C 164 -19.37 22.11 1.19
N LYS C 165 -19.02 21.25 0.24
CA LYS C 165 -19.33 19.83 0.35
C LYS C 165 -18.43 19.01 -0.56
N GLN C 166 -17.72 18.06 0.04
CA GLN C 166 -16.67 17.35 -0.67
C GLN C 166 -17.18 16.02 -1.21
N ALA C 167 -16.92 15.77 -2.48
CA ALA C 167 -17.15 14.45 -3.04
C ALA C 167 -16.10 13.53 -2.42
N ASP C 168 -16.55 12.35 -1.95
CA ASP C 168 -15.65 11.37 -1.31
C ASP C 168 -15.01 10.42 -2.32
N LEU C 169 -13.68 10.49 -2.44
CA LEU C 169 -12.90 9.61 -3.30
C LEU C 169 -13.18 8.12 -3.09
N ARG C 170 -13.59 7.76 -1.89
CA ARG C 170 -13.74 6.35 -1.55
C ARG C 170 -15.14 5.80 -1.82
N ARG C 171 -16.06 6.67 -2.25
CA ARG C 171 -17.44 6.25 -2.45
C ARG C 171 -17.52 5.16 -3.50
N GLN C 172 -18.41 4.19 -3.29
CA GLN C 172 -18.64 3.16 -4.28
C GLN C 172 -20.08 3.24 -4.80
N ASP C 173 -20.24 3.00 -6.10
CA ASP C 173 -21.55 3.05 -6.73
C ASP C 173 -22.36 1.77 -6.54
N SER C 174 -23.44 1.62 -7.30
CA SER C 174 -24.35 0.49 -7.14
C SER C 174 -23.68 -0.84 -7.52
N ARG C 175 -22.55 -0.77 -8.21
CA ARG C 175 -21.77 -1.96 -8.56
C ARG C 175 -20.61 -2.19 -7.59
N GLY C 176 -20.45 -1.29 -6.62
CA GLY C 176 -19.31 -1.37 -5.72
C GLY C 176 -18.07 -0.76 -6.36
N ASN C 177 -18.26 -0.07 -7.47
CA ASN C 177 -17.16 0.55 -8.19
C ASN C 177 -16.78 1.93 -7.67
N THR C 178 -15.51 2.08 -7.31
CA THR C 178 -14.96 3.38 -6.97
C THR C 178 -14.65 4.11 -8.26
N VAL C 179 -14.20 5.35 -8.15
CA VAL C 179 -13.77 6.11 -9.30
C VAL C 179 -12.67 5.36 -10.07
N LEU C 180 -11.87 4.55 -9.36
CA LEU C 180 -10.84 3.79 -10.06
C LEU C 180 -11.43 2.70 -10.95
N HIS C 181 -12.42 1.96 -10.45
CA HIS C 181 -13.12 1.00 -11.29
C HIS C 181 -13.80 1.68 -12.49
N ALA C 182 -14.28 2.90 -12.28
CA ALA C 182 -14.97 3.62 -13.33
C ALA C 182 -14.00 3.94 -14.47
N LEU C 183 -12.78 4.33 -14.11
CA LEU C 183 -11.77 4.60 -15.11
C LEU C 183 -11.39 3.37 -15.90
N VAL C 184 -11.36 2.21 -15.23
CA VAL C 184 -11.10 0.96 -15.94
C VAL C 184 -12.25 0.63 -16.89
N ALA C 185 -13.47 0.81 -16.39
CA ALA C 185 -14.66 0.53 -17.18
C ALA C 185 -14.71 1.30 -18.48
N ILE C 186 -14.32 2.57 -18.43
CA ILE C 186 -14.39 3.43 -19.61
C ILE C 186 -13.16 3.33 -20.50
N ALA C 187 -12.19 2.52 -20.09
CA ALA C 187 -10.97 2.34 -20.85
C ALA C 187 -11.23 1.50 -22.10
N ASP C 188 -10.63 1.87 -23.23
CA ASP C 188 -10.88 1.17 -24.49
C ASP C 188 -9.61 0.77 -25.26
N ASN C 189 -8.46 0.96 -24.63
CA ASN C 189 -7.16 0.58 -25.19
C ASN C 189 -6.75 1.44 -26.38
N THR C 190 -7.42 2.56 -26.59
CA THR C 190 -7.00 3.50 -27.63
C THR C 190 -6.06 4.47 -26.96
N ARG C 191 -5.26 5.14 -27.78
CA ARG C 191 -4.11 5.88 -27.29
C ARG C 191 -4.47 7.05 -26.39
N GLU C 192 -5.41 7.89 -26.81
CA GLU C 192 -5.75 9.09 -26.04
C GLU C 192 -6.57 8.79 -24.78
N ASN C 193 -7.42 7.77 -24.85
CA ASN C 193 -8.16 7.28 -23.69
C ASN C 193 -7.21 6.76 -22.63
N THR C 194 -6.34 5.85 -23.04
CA THR C 194 -5.32 5.31 -22.15
C THR C 194 -4.45 6.43 -21.58
N LYS C 195 -4.19 7.45 -22.38
CA LYS C 195 -3.35 8.53 -21.92
C LYS C 195 -3.99 9.34 -20.80
N PHE C 196 -5.28 9.65 -20.94
CA PHE C 196 -5.94 10.48 -19.94
C PHE C 196 -6.39 9.64 -18.76
N VAL C 197 -6.76 8.39 -19.02
CA VAL C 197 -7.17 7.48 -17.96
C VAL C 197 -6.06 7.23 -16.94
N THR C 198 -4.85 6.90 -17.40
CA THR C 198 -3.74 6.65 -16.47
C THR C 198 -3.37 7.90 -15.69
N LYS C 199 -3.42 9.04 -16.36
CA LYS C 199 -3.06 10.30 -15.74
C LYS C 199 -4.06 10.61 -14.63
N MET C 200 -5.32 10.34 -14.92
CA MET C 200 -6.42 10.54 -13.98
C MET C 200 -6.31 9.56 -12.81
N TYR C 201 -6.09 8.29 -13.13
CA TYR C 201 -5.87 7.24 -12.14
C TYR C 201 -4.76 7.64 -11.15
N ASP C 202 -3.64 8.12 -11.67
CA ASP C 202 -2.56 8.56 -10.80
C ASP C 202 -2.98 9.75 -9.95
N LEU C 203 -3.67 10.69 -10.57
CA LEU C 203 -4.10 11.90 -9.87
C LEU C 203 -4.95 11.61 -8.63
N LEU C 204 -5.93 10.71 -8.77
CA LEU C 204 -6.80 10.40 -7.66
C LEU C 204 -6.05 9.66 -6.55
N LEU C 205 -5.14 8.77 -6.95
CA LEU C 205 -4.31 8.05 -6.00
C LEU C 205 -3.49 9.01 -5.16
N ILE C 206 -2.84 9.97 -5.83
CA ILE C 206 -2.04 10.98 -5.15
C ILE C 206 -2.92 11.70 -4.14
N LYS C 207 -4.11 12.04 -4.59
CA LYS C 207 -5.07 12.76 -3.77
C LYS C 207 -5.66 11.93 -2.64
N CYS C 208 -5.85 10.63 -2.87
CA CYS C 208 -6.35 9.77 -1.81
C CYS C 208 -5.34 9.68 -0.66
N ALA C 209 -4.05 9.65 -1.00
CA ALA C 209 -3.02 9.57 0.02
C ALA C 209 -3.04 10.82 0.91
N LYS C 210 -3.22 11.99 0.31
CA LYS C 210 -3.34 13.23 1.09
C LYS C 210 -4.57 13.23 1.97
N LEU C 211 -5.73 13.06 1.37
CA LEU C 211 -6.99 13.18 2.09
C LEU C 211 -7.28 11.98 2.99
N PHE C 212 -7.07 10.76 2.49
CA PHE C 212 -7.36 9.59 3.32
C PHE C 212 -6.20 8.59 3.37
N PRO C 213 -5.19 8.89 4.21
CA PRO C 213 -4.02 8.00 4.29
C PRO C 213 -4.37 6.65 4.89
N ASP C 214 -5.49 6.59 5.61
CA ASP C 214 -5.99 5.40 6.26
C ASP C 214 -6.60 4.41 5.26
N THR C 215 -6.68 4.82 4.00
CA THR C 215 -7.40 4.08 2.98
C THR C 215 -6.51 3.69 1.81
N ASN C 216 -6.59 2.43 1.40
CA ASN C 216 -6.00 2.03 0.14
C ASN C 216 -7.08 1.94 -0.90
N LEU C 217 -7.13 2.96 -1.75
CA LEU C 217 -8.20 3.10 -2.73
C LEU C 217 -8.23 1.92 -3.68
N GLU C 218 -7.07 1.33 -3.94
CA GLU C 218 -7.00 0.18 -4.84
C GLU C 218 -7.36 -1.13 -4.18
N ALA C 219 -7.59 -1.09 -2.88
CA ALA C 219 -7.99 -2.27 -2.12
C ALA C 219 -9.51 -2.37 -2.07
N LEU C 220 -10.19 -1.27 -2.38
CA LEU C 220 -11.64 -1.29 -2.33
C LEU C 220 -12.14 -2.13 -3.48
N LEU C 221 -12.86 -3.20 -3.16
CA LEU C 221 -13.25 -4.19 -4.15
C LEU C 221 -14.70 -3.94 -4.55
N ASN C 222 -15.02 -4.17 -5.83
CA ASN C 222 -16.41 -4.07 -6.25
C ASN C 222 -17.21 -5.33 -5.90
N ASN C 223 -18.46 -5.37 -6.33
CA ASN C 223 -19.36 -6.47 -5.95
C ASN C 223 -18.98 -7.81 -6.57
N ASP C 224 -18.08 -7.80 -7.55
CA ASP C 224 -17.53 -9.02 -8.11
C ASP C 224 -16.30 -9.48 -7.34
N GLY C 225 -15.94 -8.72 -6.30
CA GLY C 225 -14.75 -8.99 -5.51
C GLY C 225 -13.46 -8.56 -6.20
N LEU C 226 -13.57 -7.66 -7.16
CA LEU C 226 -12.39 -7.25 -7.94
C LEU C 226 -11.84 -5.87 -7.60
N SER C 227 -10.51 -5.79 -7.54
CA SER C 227 -9.81 -4.52 -7.45
C SER C 227 -9.86 -3.94 -8.85
N PRO C 228 -9.52 -2.65 -9.01
CA PRO C 228 -9.47 -2.06 -10.35
C PRO C 228 -8.53 -2.83 -11.27
N LEU C 229 -7.37 -3.24 -10.75
CA LEU C 229 -6.40 -4.02 -11.49
C LEU C 229 -6.99 -5.32 -12.04
N MET C 230 -7.68 -6.07 -11.19
CA MET C 230 -8.26 -7.36 -11.62
C MET C 230 -9.44 -7.19 -12.58
N MET C 231 -10.20 -6.13 -12.39
CA MET C 231 -11.28 -5.81 -13.32
C MET C 231 -10.66 -5.52 -14.69
N ALA C 232 -9.60 -4.73 -14.69
CA ALA C 232 -8.91 -4.39 -15.93
C ALA C 232 -8.37 -5.61 -16.66
N ALA C 233 -7.89 -6.59 -15.89
CA ALA C 233 -7.32 -7.79 -16.48
C ALA C 233 -8.42 -8.66 -17.04
N LYS C 234 -9.52 -8.78 -16.30
CA LYS C 234 -10.63 -9.63 -16.70
C LYS C 234 -11.34 -9.09 -17.93
N THR C 235 -11.32 -7.77 -18.07
CA THR C 235 -12.07 -7.14 -19.15
C THR C 235 -11.15 -6.65 -20.27
N GLY C 236 -9.89 -7.11 -20.22
CA GLY C 236 -8.97 -6.84 -21.31
C GLY C 236 -8.55 -5.40 -21.47
N LYS C 237 -8.65 -4.63 -20.39
CA LYS C 237 -8.26 -3.23 -20.46
C LYS C 237 -6.74 -3.15 -20.27
N ILE C 238 -6.02 -3.62 -21.29
CA ILE C 238 -4.57 -3.76 -21.23
C ILE C 238 -3.83 -2.46 -20.90
N GLY C 239 -4.23 -1.36 -21.52
CA GLY C 239 -3.47 -0.14 -21.33
C GLY C 239 -3.40 0.30 -19.87
N ILE C 240 -4.53 0.30 -19.17
CA ILE C 240 -4.53 0.73 -17.77
C ILE C 240 -3.95 -0.35 -16.84
N PHE C 241 -4.24 -1.62 -17.15
CA PHE C 241 -3.69 -2.75 -16.40
C PHE C 241 -2.19 -2.70 -16.28
N GLN C 242 -1.52 -2.57 -17.42
CA GLN C 242 -0.07 -2.53 -17.45
C GLN C 242 0.48 -1.30 -16.73
N HIS C 243 -0.22 -0.18 -16.77
CA HIS C 243 0.22 1.02 -16.05
C HIS C 243 0.12 0.85 -14.54
N ILE C 244 -0.89 0.13 -14.09
CA ILE C 244 -1.07 -0.10 -12.66
C ILE C 244 0.06 -1.02 -12.22
N ILE C 245 0.37 -2.02 -13.03
CA ILE C 245 1.48 -2.93 -12.76
C ILE C 245 2.80 -2.17 -12.64
N ARG C 246 3.14 -1.33 -13.61
CA ARG C 246 4.38 -0.57 -13.55
C ARG C 246 4.44 0.37 -12.35
N ARG C 247 3.28 0.80 -11.87
CA ARG C 247 3.22 1.77 -10.79
C ARG C 247 3.44 1.09 -9.45
N GLU C 248 2.90 -0.11 -9.29
CA GLU C 248 3.16 -0.88 -8.07
C GLU C 248 4.65 -1.24 -7.99
N ILE C 249 5.22 -1.63 -9.13
CA ILE C 249 6.64 -1.97 -9.23
C ILE C 249 7.50 -0.76 -8.90
N ALA C 250 7.17 0.39 -9.50
CA ALA C 250 7.92 1.62 -9.27
C ALA C 250 7.83 2.03 -7.81
N ASP C 251 6.65 1.83 -7.23
CA ASP C 251 6.39 2.24 -5.86
C ASP C 251 7.20 1.33 -4.94
N ALA C 252 7.34 0.08 -5.33
CA ALA C 252 8.06 -0.84 -4.46
C ALA C 252 9.54 -0.51 -4.51
N ALA C 253 10.02 -0.21 -5.71
CA ALA C 253 11.42 0.13 -5.90
C ALA C 253 11.75 1.41 -5.15
N ALA C 254 10.77 2.28 -5.04
CA ALA C 254 11.00 3.56 -4.41
C ALA C 254 11.23 3.37 -2.92
N HIS C 255 10.56 2.37 -2.34
CA HIS C 255 10.64 2.15 -0.90
C HIS C 255 11.53 1.00 -0.42
N HIS C 256 12.43 0.52 -1.28
CA HIS C 256 13.37 -0.55 -0.92
C HIS C 256 14.71 -0.37 -1.62
N HIS C 257 15.42 0.70 -1.29
CA HIS C 257 16.75 0.93 -1.85
C HIS C 257 17.84 0.26 -1.03
N LYS D 2 -6.34 22.94 -41.76
CA LYS D 2 -5.82 22.23 -42.92
C LYS D 2 -6.03 20.74 -42.69
N VAL D 3 -6.57 20.05 -43.69
CA VAL D 3 -6.94 18.66 -43.49
C VAL D 3 -6.06 17.65 -44.26
N PHE D 4 -5.63 16.62 -43.55
CA PHE D 4 -4.77 15.56 -44.09
C PHE D 4 -5.42 14.18 -44.07
N ASN D 5 -5.07 13.35 -45.05
CA ASN D 5 -5.39 11.93 -45.05
C ASN D 5 -4.21 11.14 -45.61
N ARG D 6 -4.36 9.84 -45.85
CA ARG D 6 -3.21 9.04 -46.32
C ARG D 6 -2.65 9.42 -47.68
N PRO D 7 -3.49 9.45 -48.74
CA PRO D 7 -2.91 9.76 -50.05
C PRO D 7 -2.29 11.15 -50.06
N ILE D 8 -2.90 12.07 -49.32
CA ILE D 8 -2.37 13.43 -49.20
C ILE D 8 -0.99 13.35 -48.53
N LEU D 9 -0.92 12.62 -47.42
CA LEU D 9 0.36 12.45 -46.72
C LEU D 9 1.43 11.71 -47.55
N PHE D 10 1.07 10.59 -48.16
CA PHE D 10 2.03 9.80 -48.96
C PHE D 10 2.52 10.50 -50.21
N ASP D 11 1.61 11.22 -50.86
CA ASP D 11 1.94 11.98 -52.07
C ASP D 11 2.96 13.08 -51.77
N ILE D 12 2.72 13.83 -50.70
CA ILE D 12 3.64 14.89 -50.28
C ILE D 12 5.02 14.29 -50.05
N VAL D 13 5.02 13.19 -49.32
CA VAL D 13 6.26 12.55 -48.90
C VAL D 13 7.03 11.92 -50.06
N SER D 14 6.34 11.24 -50.97
CA SER D 14 6.99 10.59 -52.10
C SER D 14 7.53 11.62 -53.09
N ARG D 15 6.91 12.80 -53.08
CA ARG D 15 7.41 13.95 -53.84
C ARG D 15 8.55 14.62 -53.09
N GLY D 16 8.58 14.46 -51.78
CA GLY D 16 9.65 15.05 -50.98
C GLY D 16 9.45 16.52 -50.76
N SER D 17 8.27 16.87 -50.26
CA SER D 17 7.89 18.27 -50.10
C SER D 17 7.99 18.83 -48.69
N PRO D 18 9.05 19.61 -48.42
CA PRO D 18 9.18 20.34 -47.16
C PRO D 18 8.05 21.37 -47.00
N ASP D 19 7.48 21.83 -48.12
CA ASP D 19 6.34 22.76 -48.08
C ASP D 19 5.12 22.13 -47.41
N GLY D 20 4.97 20.82 -47.62
CA GLY D 20 3.82 20.08 -47.14
C GLY D 20 3.61 20.04 -45.64
N LEU D 21 4.65 20.31 -44.87
CA LEU D 21 4.55 20.18 -43.43
C LEU D 21 4.09 21.43 -42.67
N GLU D 22 3.74 22.50 -43.39
CA GLU D 22 3.04 23.61 -42.75
C GLU D 22 1.69 23.12 -42.20
N GLY D 23 1.45 23.33 -40.91
CA GLY D 23 0.16 22.98 -40.35
C GLY D 23 -0.04 21.60 -39.78
N LEU D 24 0.85 20.65 -40.12
CA LEU D 24 0.69 19.26 -39.65
C LEU D 24 0.86 19.13 -38.13
N LEU D 25 1.83 19.85 -37.57
CA LEU D 25 2.03 19.88 -36.12
C LEU D 25 0.76 20.31 -35.40
N SER D 26 0.23 21.47 -35.77
CA SER D 26 -1.01 21.96 -35.19
C SER D 26 -2.17 21.00 -35.47
N PHE D 27 -2.24 20.49 -36.70
CA PHE D 27 -3.30 19.55 -37.09
C PHE D 27 -3.34 18.23 -36.32
N LEU D 28 -2.21 17.53 -36.21
CA LEU D 28 -2.20 16.23 -35.54
C LEU D 28 -2.64 16.36 -34.10
N LEU D 29 -2.19 17.42 -33.46
CA LEU D 29 -2.59 17.74 -32.10
C LEU D 29 -4.08 18.05 -32.07
N THR D 30 -4.58 18.68 -33.14
CA THR D 30 -5.99 19.09 -33.24
C THR D 30 -7.02 17.94 -33.34
N HIS D 31 -6.80 16.99 -34.23
CA HIS D 31 -7.73 15.87 -34.37
C HIS D 31 -7.34 14.73 -33.44
N LYS D 32 -6.36 15.02 -32.58
CA LYS D 32 -5.76 14.05 -31.67
C LYS D 32 -5.33 12.80 -32.42
N LYS D 33 -4.62 13.02 -33.52
CA LYS D 33 -4.12 11.91 -34.32
C LYS D 33 -2.60 11.89 -34.31
N ARG D 34 -2.04 10.75 -34.70
CA ARG D 34 -0.61 10.54 -34.68
C ARG D 34 -0.29 9.84 -35.99
N LEU D 35 0.92 10.03 -36.51
CA LEU D 35 1.33 9.38 -37.76
C LEU D 35 1.42 7.86 -37.60
N THR D 36 1.13 7.40 -36.39
CA THR D 36 1.07 5.99 -36.05
C THR D 36 -0.24 5.38 -36.53
N ASP D 37 -1.22 6.21 -36.83
CA ASP D 37 -2.56 5.73 -37.18
C ASP D 37 -2.63 4.85 -38.43
N GLU D 38 -3.55 3.90 -38.39
CA GLU D 38 -3.82 3.01 -39.52
C GLU D 38 -4.21 3.84 -40.73
N GLU D 39 -4.94 4.93 -40.47
CA GLU D 39 -5.38 5.85 -41.51
C GLU D 39 -4.16 6.49 -42.19
N PHE D 40 -3.01 6.41 -41.53
CA PHE D 40 -1.76 6.93 -42.07
C PHE D 40 -0.72 5.85 -42.38
N ARG D 41 -1.15 4.60 -42.47
CA ARG D 41 -0.25 3.55 -42.92
C ARG D 41 -0.74 2.89 -44.20
N GLU D 42 0.20 2.59 -45.10
CA GLU D 42 -0.10 1.94 -46.38
C GLU D 42 -0.68 0.53 -46.22
N PRO D 43 -1.93 0.35 -46.66
CA PRO D 43 -2.60 -0.95 -46.53
C PRO D 43 -1.87 -2.10 -47.23
N SER D 44 -1.13 -1.82 -48.31
CA SER D 44 -0.51 -2.87 -49.11
C SER D 44 0.82 -3.37 -48.54
N THR D 45 1.41 -2.60 -47.63
CA THR D 45 2.72 -2.93 -47.05
C THR D 45 2.69 -2.78 -45.52
N GLY D 46 1.89 -1.86 -45.01
CA GLY D 46 1.88 -1.50 -43.60
C GLY D 46 2.75 -0.29 -43.31
N LYS D 47 3.40 0.22 -44.36
CA LYS D 47 4.28 1.39 -44.26
C LYS D 47 3.61 2.65 -43.77
N THR D 48 4.25 3.29 -42.80
CA THR D 48 3.91 4.67 -42.43
C THR D 48 4.64 5.60 -43.40
N CYS D 49 4.52 6.91 -43.17
CA CYS D 49 5.18 7.89 -44.04
C CYS D 49 6.70 7.92 -43.92
N LEU D 50 7.27 7.36 -42.85
CA LEU D 50 8.74 7.34 -42.73
C LEU D 50 9.41 6.35 -43.68
N PRO D 51 8.95 5.08 -43.71
CA PRO D 51 9.48 4.18 -44.74
C PRO D 51 9.21 4.64 -46.18
N LYS D 52 8.02 5.16 -46.44
CA LYS D 52 7.69 5.70 -47.77
C LYS D 52 8.69 6.80 -48.17
N ALA D 53 9.01 7.68 -47.23
CA ALA D 53 9.99 8.75 -47.42
C ALA D 53 11.39 8.29 -47.79
N LEU D 54 11.91 7.33 -47.04
CA LEU D 54 13.28 6.87 -47.21
C LEU D 54 13.44 6.13 -48.53
N LEU D 55 12.34 5.61 -49.05
CA LEU D 55 12.35 4.93 -50.34
C LEU D 55 12.08 5.90 -51.49
N ASN D 56 11.86 7.16 -51.15
CA ASN D 56 11.77 8.22 -52.15
C ASN D 56 12.69 9.35 -51.78
N LEU D 57 13.98 9.11 -52.01
CA LEU D 57 15.02 10.08 -51.69
C LEU D 57 15.39 10.76 -53.00
N SER D 58 15.74 12.03 -52.91
CA SER D 58 16.22 12.77 -54.06
C SER D 58 17.67 13.07 -53.73
N ALA D 59 18.57 12.50 -54.52
CA ALA D 59 20.00 12.52 -54.25
C ALA D 59 20.29 11.97 -52.85
N GLY D 60 19.56 10.93 -52.47
CA GLY D 60 19.71 10.29 -51.18
C GLY D 60 19.16 11.01 -49.96
N ARG D 61 18.48 12.14 -50.18
CA ARG D 61 17.89 12.92 -49.08
C ARG D 61 16.40 13.21 -49.25
N ASN D 62 15.70 13.34 -48.13
CA ASN D 62 14.33 13.86 -48.10
C ASN D 62 14.12 14.70 -46.83
N ASP D 63 14.17 16.03 -46.96
CA ASP D 63 14.17 16.93 -45.80
C ASP D 63 12.88 17.01 -44.96
N THR D 64 11.87 16.20 -45.29
CA THR D 64 10.66 16.12 -44.47
C THR D 64 10.99 15.42 -43.15
N ILE D 65 12.06 14.65 -43.17
CA ILE D 65 12.45 13.78 -42.07
C ILE D 65 12.66 14.46 -40.70
N PRO D 66 13.51 15.51 -40.63
CA PRO D 66 13.66 16.16 -39.31
C PRO D 66 12.36 16.71 -38.71
N ILE D 67 11.51 17.34 -39.53
CA ILE D 67 10.20 17.80 -39.04
C ILE D 67 9.23 16.64 -38.77
N LEU D 68 9.20 15.64 -39.67
CA LEU D 68 8.37 14.45 -39.42
C LEU D 68 8.75 13.79 -38.11
N LEU D 69 10.04 13.72 -37.84
CA LEU D 69 10.52 13.16 -36.58
C LEU D 69 10.20 14.02 -35.35
N ASP D 70 10.39 15.33 -35.46
CA ASP D 70 10.14 16.22 -34.33
C ASP D 70 8.65 16.39 -34.03
N ILE D 71 7.80 16.30 -35.06
CA ILE D 71 6.35 16.37 -34.83
C ILE D 71 6.00 15.26 -33.86
N ALA D 72 6.60 14.10 -34.10
CA ALA D 72 6.41 12.95 -33.24
C ALA D 72 6.88 13.21 -31.79
N GLU D 73 8.01 13.88 -31.61
CA GLU D 73 8.44 14.27 -30.26
C GLU D 73 7.41 15.25 -29.69
N LYS D 74 6.99 16.19 -30.52
CA LYS D 74 6.03 17.23 -30.12
C LYS D 74 4.62 16.67 -30.02
N THR D 75 4.39 15.53 -30.67
CA THR D 75 3.13 14.79 -30.50
C THR D 75 3.35 13.54 -29.66
N GLY D 76 4.50 13.50 -28.97
CA GLY D 76 4.83 12.45 -28.03
C GLY D 76 4.87 11.06 -28.64
N ASN D 77 5.58 10.91 -29.75
CA ASN D 77 5.38 9.75 -30.60
C ASN D 77 6.64 9.29 -31.34
N MET D 78 7.77 9.94 -31.08
CA MET D 78 8.96 9.78 -31.94
C MET D 78 9.52 8.36 -31.98
N ARG D 79 9.66 7.75 -30.81
CA ARG D 79 10.15 6.39 -30.74
C ARG D 79 9.13 5.39 -31.28
N GLU D 80 7.85 5.61 -30.95
CA GLU D 80 6.79 4.72 -31.43
C GLU D 80 6.64 4.74 -32.95
N PHE D 81 6.80 5.93 -33.53
CA PHE D 81 6.66 6.11 -34.98
C PHE D 81 7.73 5.44 -35.85
N ILE D 82 8.99 5.63 -35.49
CA ILE D 82 10.12 5.15 -36.29
C ILE D 82 10.13 3.62 -36.53
N ASN D 83 9.71 2.85 -35.54
CA ASN D 83 9.90 1.41 -35.59
C ASN D 83 8.73 0.56 -36.09
N SER D 84 7.70 1.18 -36.65
CA SER D 84 6.55 0.43 -37.15
C SER D 84 6.99 -0.61 -38.16
N PRO D 85 6.56 -1.85 -37.96
CA PRO D 85 6.94 -2.91 -38.91
C PRO D 85 6.04 -2.89 -40.13
N PHE D 86 6.61 -3.29 -41.26
CA PHE D 86 5.84 -3.48 -42.48
C PHE D 86 6.32 -4.75 -43.17
N ARG D 87 5.61 -5.17 -44.22
CA ARG D 87 5.99 -6.37 -44.93
C ARG D 87 5.77 -6.17 -46.43
N ASP D 88 6.40 -7.03 -47.23
CA ASP D 88 6.14 -7.08 -48.66
C ASP D 88 6.19 -8.52 -49.11
N VAL D 89 6.60 -8.72 -50.36
CA VAL D 89 6.73 -10.07 -50.88
C VAL D 89 7.89 -10.79 -50.22
N TYR D 90 8.86 -10.03 -49.71
CA TYR D 90 10.15 -10.61 -49.35
C TYR D 90 10.49 -10.69 -47.86
N TYR D 91 10.26 -9.61 -47.11
CA TYR D 91 10.54 -9.64 -45.69
C TYR D 91 9.35 -9.08 -44.90
N ARG D 92 9.17 -9.57 -43.67
CA ARG D 92 8.27 -8.95 -42.71
C ARG D 92 9.07 -8.37 -41.54
N GLY D 93 8.43 -7.53 -40.72
CA GLY D 93 9.10 -6.90 -39.59
C GLY D 93 10.10 -5.84 -40.01
N GLN D 94 10.09 -5.50 -41.30
CA GLN D 94 10.92 -4.43 -41.84
C GLN D 94 10.64 -3.10 -41.12
N THR D 95 11.69 -2.31 -40.91
CA THR D 95 11.56 -1.01 -40.25
C THR D 95 12.27 0.12 -41.02
N ALA D 96 12.14 1.35 -40.53
CA ALA D 96 12.85 2.50 -41.08
C ALA D 96 14.37 2.33 -41.05
N LEU D 97 14.88 1.82 -39.94
CA LEU D 97 16.32 1.66 -39.75
C LEU D 97 16.93 0.71 -40.78
N HIS D 98 16.18 -0.34 -41.11
CA HIS D 98 16.60 -1.32 -42.11
C HIS D 98 16.78 -0.64 -43.47
N ILE D 99 15.84 0.22 -43.82
CA ILE D 99 15.88 0.99 -45.06
C ILE D 99 17.01 2.03 -45.06
N ALA D 100 17.18 2.75 -43.95
CA ALA D 100 18.25 3.74 -43.83
C ALA D 100 19.63 3.13 -44.11
N ILE D 101 19.81 1.88 -43.69
CA ILE D 101 21.09 1.19 -43.88
C ILE D 101 21.42 0.87 -45.33
N GLU D 102 20.50 0.25 -46.07
CA GLU D 102 20.81 -0.14 -47.45
C GLU D 102 20.89 1.03 -48.42
N ARG D 103 20.21 2.13 -48.12
CA ARG D 103 20.33 3.31 -48.99
C ARG D 103 21.57 4.09 -48.57
N ARG D 104 22.27 3.54 -47.59
CA ARG D 104 23.57 4.03 -47.16
C ARG D 104 23.53 5.46 -46.68
N CYS D 105 22.47 5.78 -45.94
CA CYS D 105 22.27 7.15 -45.46
C CYS D 105 22.71 7.28 -44.02
N LYS D 106 24.00 7.52 -43.85
CA LYS D 106 24.62 7.58 -42.55
C LYS D 106 23.99 8.62 -41.61
N HIS D 107 23.71 9.83 -42.08
CA HIS D 107 23.10 10.80 -41.17
C HIS D 107 21.71 10.30 -40.74
N TYR D 108 20.95 9.78 -41.69
CA TYR D 108 19.62 9.26 -41.37
C TYR D 108 19.67 7.98 -40.55
N VAL D 109 20.64 7.12 -40.81
CA VAL D 109 20.87 5.95 -39.95
C VAL D 109 21.13 6.39 -38.52
N GLU D 110 22.10 7.30 -38.35
CA GLU D 110 22.45 7.83 -37.05
C GLU D 110 21.31 8.56 -36.37
N LEU D 111 20.67 9.46 -37.12
CA LEU D 111 19.57 10.27 -36.61
C LEU D 111 18.46 9.39 -36.07
N LEU D 112 18.11 8.35 -36.82
CA LEU D 112 17.06 7.43 -36.39
C LEU D 112 17.52 6.71 -35.13
N VAL D 113 18.81 6.34 -35.11
CA VAL D 113 19.41 5.74 -33.92
C VAL D 113 19.51 6.78 -32.80
N GLU D 114 19.88 8.00 -33.19
CA GLU D 114 19.88 9.13 -32.26
C GLU D 114 18.52 9.36 -31.64
N LYS D 115 17.47 8.85 -32.27
CA LYS D 115 16.11 9.10 -31.77
C LYS D 115 15.33 7.87 -31.30
N GLY D 116 16.01 6.74 -31.15
CA GLY D 116 15.44 5.60 -30.45
C GLY D 116 15.01 4.45 -31.34
N ALA D 117 15.54 4.41 -32.56
CA ALA D 117 15.30 3.30 -33.48
C ALA D 117 15.71 1.98 -32.85
N ASP D 118 14.89 0.96 -33.06
CA ASP D 118 15.16 -0.40 -32.57
C ASP D 118 16.28 -1.08 -33.38
N VAL D 119 17.48 -1.14 -32.79
CA VAL D 119 18.65 -1.71 -33.48
C VAL D 119 18.65 -3.25 -33.59
N HIS D 120 17.72 -3.92 -32.92
CA HIS D 120 17.62 -5.37 -33.01
C HIS D 120 16.35 -5.88 -33.66
N ALA D 121 15.72 -5.02 -34.47
CA ALA D 121 14.54 -5.40 -35.24
C ALA D 121 14.91 -6.48 -36.25
N GLN D 122 14.07 -7.50 -36.36
CA GLN D 122 14.37 -8.61 -37.25
C GLN D 122 13.55 -8.55 -38.54
N ALA D 123 14.24 -8.31 -39.66
CA ALA D 123 13.61 -8.39 -40.97
C ALA D 123 13.62 -9.85 -41.40
N ARG D 124 12.53 -10.54 -41.12
CA ARG D 124 12.43 -11.96 -41.39
C ARG D 124 11.95 -12.15 -42.83
N GLY D 125 12.71 -12.93 -43.60
CA GLY D 125 12.38 -13.19 -44.99
C GLY D 125 11.02 -13.86 -45.12
N ARG D 126 10.35 -13.66 -46.26
CA ARG D 126 9.06 -14.28 -46.47
C ARG D 126 9.16 -15.44 -47.44
N PHE D 127 8.30 -16.42 -47.20
CA PHE D 127 8.34 -17.72 -47.83
C PHE D 127 7.06 -18.05 -48.56
N TYR D 136 14.63 -13.92 -52.10
CA TYR D 136 14.97 -12.69 -51.39
C TYR D 136 16.42 -12.75 -50.91
N PHE D 137 17.01 -11.58 -50.68
CA PHE D 137 18.39 -11.42 -50.22
C PHE D 137 18.54 -11.56 -48.70
N TYR D 138 19.23 -12.60 -48.23
CA TYR D 138 19.43 -12.83 -46.79
C TYR D 138 20.66 -12.12 -46.22
N PHE D 139 20.47 -11.40 -45.11
CA PHE D 139 21.58 -10.71 -44.46
C PHE D 139 21.62 -10.91 -42.93
N GLY D 140 20.82 -11.85 -42.43
CA GLY D 140 20.79 -12.11 -40.99
C GLY D 140 19.73 -11.33 -40.21
N GLU D 141 18.70 -10.86 -40.91
CA GLU D 141 17.53 -10.25 -40.28
C GLU D 141 17.78 -8.90 -39.60
N LEU D 142 18.94 -8.77 -38.96
CA LEU D 142 19.27 -7.64 -38.09
C LEU D 142 19.97 -6.49 -38.82
N PRO D 143 19.77 -5.26 -38.31
CA PRO D 143 20.43 -4.05 -38.80
C PRO D 143 21.94 -4.13 -38.72
N LEU D 144 22.47 -4.64 -37.60
CA LEU D 144 23.91 -4.82 -37.43
C LEU D 144 24.46 -5.78 -38.47
N SER D 145 23.74 -6.87 -38.70
CA SER D 145 24.12 -7.83 -39.73
C SER D 145 23.90 -7.29 -41.15
N LEU D 146 22.85 -6.48 -41.32
CA LEU D 146 22.60 -5.81 -42.59
C LEU D 146 23.75 -4.87 -42.95
N ALA D 147 24.18 -4.05 -42.00
CA ALA D 147 25.29 -3.14 -42.20
C ALA D 147 26.59 -3.88 -42.51
N ALA D 148 26.84 -4.96 -41.78
CA ALA D 148 28.01 -5.78 -42.01
C ALA D 148 27.93 -6.47 -43.37
N CYS D 149 26.78 -7.04 -43.69
CA CYS D 149 26.62 -7.80 -44.92
C CYS D 149 26.59 -6.93 -46.18
N THR D 150 26.40 -5.63 -46.00
CA THR D 150 26.36 -4.71 -47.14
C THR D 150 27.62 -3.84 -47.21
N ASN D 151 28.67 -4.30 -46.52
CA ASN D 151 29.97 -3.63 -46.53
C ASN D 151 29.84 -2.19 -46.05
N GLN D 152 29.28 -2.03 -44.85
CA GLN D 152 29.13 -0.71 -44.23
C GLN D 152 29.74 -0.67 -42.84
N PRO D 153 31.09 -0.56 -42.79
CA PRO D 153 31.90 -0.59 -41.57
C PRO D 153 31.54 0.49 -40.56
N HIS D 154 31.32 1.72 -41.04
CA HIS D 154 30.95 2.83 -40.18
C HIS D 154 29.59 2.64 -39.51
N ILE D 155 28.63 2.06 -40.22
CA ILE D 155 27.32 1.84 -39.63
C ILE D 155 27.46 0.75 -38.56
N VAL D 156 28.29 -0.25 -38.86
CA VAL D 156 28.67 -1.26 -37.87
C VAL D 156 29.40 -0.65 -36.65
N HIS D 157 30.44 0.14 -36.89
CA HIS D 157 31.10 0.86 -35.80
C HIS D 157 30.12 1.73 -35.02
N TYR D 158 29.37 2.57 -35.73
CA TYR D 158 28.41 3.48 -35.12
C TYR D 158 27.39 2.80 -34.21
N LEU D 159 26.79 1.72 -34.70
CA LEU D 159 25.75 0.99 -33.97
C LEU D 159 26.24 0.35 -32.66
N THR D 160 27.52 0.00 -32.60
CA THR D 160 28.08 -0.63 -31.40
C THR D 160 28.58 0.42 -30.39
N GLU D 161 28.71 1.66 -30.84
CA GLU D 161 29.37 2.69 -30.03
C GLU D 161 28.50 3.89 -29.62
N ASN D 162 27.35 4.09 -30.24
CA ASN D 162 26.51 5.23 -29.90
C ASN D 162 26.13 5.22 -28.42
N GLY D 163 26.01 6.41 -27.83
CA GLY D 163 25.71 6.54 -26.42
C GLY D 163 24.24 6.37 -26.12
N HIS D 164 23.48 6.02 -27.14
CA HIS D 164 22.03 5.97 -27.07
C HIS D 164 21.46 4.55 -26.95
N LYS D 165 21.89 3.64 -27.82
CA LYS D 165 21.38 2.27 -27.83
C LYS D 165 22.35 1.30 -28.47
N GLN D 166 22.63 0.20 -27.75
CA GLN D 166 23.70 -0.71 -28.12
C GLN D 166 23.21 -1.91 -28.91
N ALA D 167 23.70 -2.03 -30.15
CA ALA D 167 23.50 -3.24 -30.91
C ALA D 167 24.48 -4.27 -30.36
N ASP D 168 23.98 -5.47 -30.06
CA ASP D 168 24.77 -6.54 -29.48
C ASP D 168 25.40 -7.41 -30.56
N LEU D 169 26.73 -7.44 -30.60
CA LEU D 169 27.48 -8.33 -31.47
C LEU D 169 27.13 -9.81 -31.34
N ARG D 170 26.67 -10.20 -30.15
CA ARG D 170 26.47 -11.61 -29.86
C ARG D 170 25.06 -12.06 -30.27
N ARG D 171 24.28 -11.10 -30.75
CA ARG D 171 22.89 -11.33 -31.12
C ARG D 171 22.75 -12.38 -32.22
N GLN D 172 21.72 -13.21 -32.13
CA GLN D 172 21.42 -14.20 -33.16
C GLN D 172 20.05 -13.93 -33.76
N ASP D 173 19.91 -14.14 -35.06
CA ASP D 173 18.61 -13.95 -35.71
C ASP D 173 17.72 -15.18 -35.53
N SER D 174 16.65 -15.28 -36.30
CA SER D 174 15.69 -16.37 -36.13
C SER D 174 16.28 -17.73 -36.53
N ARG D 175 17.41 -17.69 -37.23
CA ARG D 175 18.08 -18.91 -37.65
C ARG D 175 19.19 -19.29 -36.68
N GLY D 176 19.35 -18.52 -35.62
CA GLY D 176 20.44 -18.77 -34.69
C GLY D 176 21.73 -18.24 -35.26
N ASN D 177 21.61 -17.47 -36.33
CA ASN D 177 22.76 -16.93 -37.02
C ASN D 177 23.23 -15.63 -36.38
N THR D 178 24.48 -15.63 -35.94
CA THR D 178 25.12 -14.41 -35.47
C THR D 178 25.53 -13.63 -36.70
N VAL D 179 26.00 -12.41 -36.49
CA VAL D 179 26.48 -11.56 -37.58
C VAL D 179 27.62 -12.28 -38.35
N LEU D 180 28.34 -13.17 -37.67
CA LEU D 180 29.39 -13.94 -38.33
C LEU D 180 28.79 -14.91 -39.35
N HIS D 181 27.73 -15.60 -38.96
CA HIS D 181 26.99 -16.45 -39.89
C HIS D 181 26.44 -15.67 -41.08
N ALA D 182 26.03 -14.44 -40.83
CA ALA D 182 25.46 -13.59 -41.87
C ALA D 182 26.49 -13.26 -42.94
N LEU D 183 27.72 -12.97 -42.51
CA LEU D 183 28.81 -12.70 -43.43
C LEU D 183 29.13 -13.94 -44.27
N VAL D 184 28.99 -15.11 -43.65
CA VAL D 184 29.21 -16.38 -44.34
C VAL D 184 28.12 -16.64 -45.37
N ALA D 185 26.87 -16.33 -45.00
CA ALA D 185 25.72 -16.52 -45.87
C ALA D 185 25.84 -15.73 -47.17
N ILE D 186 26.27 -14.48 -47.06
CA ILE D 186 26.36 -13.60 -48.20
C ILE D 186 27.67 -13.78 -48.98
N ALA D 187 28.56 -14.63 -48.47
CA ALA D 187 29.79 -14.91 -49.20
C ALA D 187 29.46 -15.78 -50.40
N ASP D 188 30.04 -15.47 -51.55
CA ASP D 188 29.68 -16.16 -52.79
C ASP D 188 30.90 -16.66 -53.57
N ASN D 189 32.07 -16.51 -52.94
CA ASN D 189 33.34 -16.98 -53.49
C ASN D 189 33.76 -16.17 -54.71
N THR D 190 33.15 -15.00 -54.85
CA THR D 190 33.60 -14.00 -55.80
C THR D 190 34.54 -13.13 -54.99
N ARG D 191 35.45 -12.42 -55.65
CA ARG D 191 36.56 -11.80 -54.92
C ARG D 191 36.27 -10.65 -53.96
N GLU D 192 35.58 -9.62 -54.44
CA GLU D 192 35.36 -8.43 -53.61
C GLU D 192 34.43 -8.71 -52.47
N ASN D 193 33.51 -9.64 -52.66
CA ASN D 193 32.72 -10.12 -51.56
C ASN D 193 33.66 -10.71 -50.51
N THR D 194 34.50 -11.64 -50.94
CA THR D 194 35.48 -12.25 -50.05
C THR D 194 36.38 -11.20 -49.38
N LYS D 195 36.76 -10.16 -50.13
CA LYS D 195 37.71 -9.19 -49.58
C LYS D 195 37.13 -8.32 -48.44
N PHE D 196 35.87 -7.90 -48.57
CA PHE D 196 35.27 -7.03 -47.56
C PHE D 196 34.73 -7.84 -46.37
N VAL D 197 34.24 -9.04 -46.66
CA VAL D 197 33.70 -9.93 -45.64
C VAL D 197 34.74 -10.30 -44.58
N THR D 198 35.93 -10.67 -45.03
CA THR D 198 37.02 -11.02 -44.13
C THR D 198 37.46 -9.86 -43.25
N LYS D 199 37.50 -8.64 -43.78
CA LYS D 199 37.84 -7.50 -42.95
C LYS D 199 36.74 -7.27 -41.93
N MET D 200 35.49 -7.45 -42.38
CA MET D 200 34.31 -7.30 -41.53
C MET D 200 34.22 -8.40 -40.46
N TYR D 201 34.36 -9.65 -40.87
CA TYR D 201 34.39 -10.79 -39.93
C TYR D 201 35.42 -10.59 -38.82
N ASP D 202 36.64 -10.22 -39.20
CA ASP D 202 37.72 -10.00 -38.25
C ASP D 202 37.38 -8.85 -37.29
N LEU D 203 36.82 -7.80 -37.88
CA LEU D 203 36.42 -6.59 -37.18
C LEU D 203 35.47 -6.87 -36.01
N LEU D 204 34.47 -7.71 -36.23
CA LEU D 204 33.49 -8.01 -35.20
C LEU D 204 34.12 -8.92 -34.13
N LEU D 205 34.97 -9.84 -34.57
CA LEU D 205 35.72 -10.70 -33.67
C LEU D 205 36.61 -9.89 -32.75
N ILE D 206 37.37 -8.97 -33.34
CA ILE D 206 38.26 -8.09 -32.60
C ILE D 206 37.51 -7.27 -31.54
N LYS D 207 36.36 -6.73 -31.93
CA LYS D 207 35.52 -5.96 -31.01
C LYS D 207 34.82 -6.84 -29.97
N CYS D 208 34.45 -8.06 -30.35
CA CYS D 208 33.82 -8.98 -29.42
C CYS D 208 34.81 -9.37 -28.31
N ALA D 209 36.08 -9.52 -28.69
CA ALA D 209 37.12 -9.80 -27.71
C ALA D 209 37.21 -8.62 -26.76
N LYS D 210 37.07 -7.42 -27.31
CA LYS D 210 37.02 -6.18 -26.55
C LYS D 210 35.85 -6.12 -25.57
N LEU D 211 34.64 -6.19 -26.10
CA LEU D 211 33.43 -5.98 -25.31
C LEU D 211 33.02 -7.16 -24.43
N PHE D 212 32.98 -8.35 -25.01
CA PHE D 212 32.51 -9.51 -24.28
C PHE D 212 33.55 -10.62 -24.33
N PRO D 213 34.53 -10.54 -23.43
CA PRO D 213 35.69 -11.43 -23.38
C PRO D 213 35.29 -12.81 -22.90
N ASP D 214 34.16 -12.88 -22.21
CA ASP D 214 33.64 -14.11 -21.65
C ASP D 214 32.98 -14.99 -22.73
N THR D 215 32.91 -14.46 -23.94
CA THR D 215 32.10 -15.08 -25.00
C THR D 215 32.97 -15.47 -26.19
N ASN D 216 32.83 -16.71 -26.64
CA ASN D 216 33.47 -17.11 -27.88
C ASN D 216 32.43 -17.01 -28.98
N LEU D 217 32.52 -15.92 -29.73
CA LEU D 217 31.51 -15.57 -30.73
C LEU D 217 31.41 -16.61 -31.81
N GLU D 218 32.53 -17.23 -32.13
CA GLU D 218 32.56 -18.31 -33.11
C GLU D 218 32.27 -19.70 -32.51
N ALA D 219 31.97 -19.75 -31.21
CA ALA D 219 31.51 -21.00 -30.60
C ALA D 219 29.99 -21.05 -30.58
N LEU D 220 29.35 -19.90 -30.77
CA LEU D 220 27.90 -19.86 -30.79
C LEU D 220 27.39 -20.62 -31.99
N LEU D 221 26.49 -21.56 -31.74
CA LEU D 221 26.01 -22.44 -32.79
C LEU D 221 24.66 -21.91 -33.29
N ASN D 222 24.43 -21.98 -34.60
CA ASN D 222 23.12 -21.64 -35.15
C ASN D 222 22.12 -22.80 -35.03
N ASN D 223 20.94 -22.64 -35.62
CA ASN D 223 19.90 -23.66 -35.46
C ASN D 223 20.24 -24.99 -36.14
N ASP D 224 21.24 -24.97 -37.00
CA ASP D 224 21.76 -26.20 -37.60
C ASP D 224 22.85 -26.80 -36.70
N GLY D 225 23.17 -26.10 -35.61
CA GLY D 225 24.25 -26.52 -34.73
C GLY D 225 25.60 -26.20 -35.33
N LEU D 226 25.62 -25.27 -36.29
CA LEU D 226 26.83 -24.95 -37.03
C LEU D 226 27.48 -23.62 -36.63
N SER D 227 28.79 -23.64 -36.55
CA SER D 227 29.58 -22.44 -36.40
C SER D 227 29.77 -21.80 -37.76
N PRO D 228 30.23 -20.53 -37.79
CA PRO D 228 30.55 -19.89 -39.06
C PRO D 228 31.53 -20.71 -39.87
N LEU D 229 32.54 -21.24 -39.18
CA LEU D 229 33.52 -22.13 -39.77
C LEU D 229 32.87 -23.36 -40.41
N MET D 230 31.99 -24.02 -39.67
CA MET D 230 31.36 -25.24 -40.16
C MET D 230 30.32 -24.94 -41.24
N MET D 231 29.64 -23.80 -41.08
CA MET D 231 28.67 -23.32 -42.06
C MET D 231 29.31 -23.06 -43.41
N ALA D 232 30.46 -22.39 -43.40
CA ALA D 232 31.16 -22.08 -44.63
C ALA D 232 31.49 -23.34 -45.41
N ALA D 233 31.85 -24.40 -44.67
CA ALA D 233 32.22 -25.68 -45.25
C ALA D 233 31.02 -26.47 -45.76
N LYS D 234 29.94 -26.50 -45.00
CA LYS D 234 28.76 -27.28 -45.37
C LYS D 234 28.12 -26.67 -46.61
N THR D 235 28.27 -25.35 -46.73
CA THR D 235 27.66 -24.60 -47.83
C THR D 235 28.71 -24.16 -48.85
N GLY D 236 29.93 -24.69 -48.73
CA GLY D 236 30.95 -24.48 -49.73
C GLY D 236 31.53 -23.08 -49.86
N LYS D 237 31.48 -22.30 -48.79
CA LYS D 237 31.99 -20.92 -48.84
C LYS D 237 33.52 -20.83 -48.63
N ILE D 238 34.26 -21.14 -49.69
CA ILE D 238 35.73 -21.29 -49.65
C ILE D 238 36.54 -20.13 -49.07
N GLY D 239 36.31 -18.92 -49.59
CA GLY D 239 37.14 -17.79 -49.25
C GLY D 239 37.19 -17.40 -47.79
N ILE D 240 36.03 -17.43 -47.15
CA ILE D 240 35.91 -17.05 -45.76
C ILE D 240 36.41 -18.17 -44.88
N PHE D 241 36.12 -19.40 -45.30
CA PHE D 241 36.57 -20.60 -44.61
C PHE D 241 38.06 -20.61 -44.35
N GLN D 242 38.84 -20.48 -45.43
CA GLN D 242 40.29 -20.50 -45.32
C GLN D 242 40.80 -19.34 -44.49
N HIS D 243 40.15 -18.20 -44.58
CA HIS D 243 40.60 -17.05 -43.80
C HIS D 243 40.40 -17.27 -42.30
N ILE D 244 39.33 -17.98 -41.94
CA ILE D 244 39.07 -18.28 -40.53
C ILE D 244 40.09 -19.32 -40.05
N ILE D 245 40.34 -20.33 -40.88
CA ILE D 245 41.37 -21.32 -40.57
C ILE D 245 42.75 -20.68 -40.41
N ARG D 246 43.15 -19.85 -41.37
CA ARG D 246 44.45 -19.19 -41.29
C ARG D 246 44.54 -18.28 -40.07
N ARG D 247 43.39 -17.79 -39.60
CA ARG D 247 43.38 -16.84 -38.50
C ARG D 247 43.58 -17.57 -37.18
N GLU D 248 42.97 -18.75 -37.06
CA GLU D 248 43.15 -19.62 -35.91
C GLU D 248 44.58 -20.14 -35.83
N ILE D 249 45.12 -20.55 -36.96
CA ILE D 249 46.51 -20.97 -37.05
C ILE D 249 47.39 -19.79 -36.68
N ALA D 250 47.05 -18.62 -37.22
CA ALA D 250 47.80 -17.42 -36.90
C ALA D 250 47.70 -17.15 -35.41
N ASP D 251 46.53 -17.44 -34.83
CA ASP D 251 46.30 -17.17 -33.41
C ASP D 251 47.05 -18.12 -32.50
N ALA D 252 47.19 -19.37 -32.89
CA ALA D 252 47.93 -20.30 -32.06
C ALA D 252 49.41 -20.02 -32.23
N ALA D 253 49.80 -19.75 -33.47
CA ALA D 253 51.20 -19.47 -33.77
C ALA D 253 51.65 -18.19 -33.07
N ALA D 254 50.72 -17.25 -32.91
CA ALA D 254 51.06 -15.99 -32.26
C ALA D 254 51.23 -16.21 -30.76
N HIS D 255 50.40 -17.10 -30.22
CA HIS D 255 50.38 -17.34 -28.78
C HIS D 255 51.10 -18.60 -28.31
N HIS D 256 51.94 -19.16 -29.18
CA HIS D 256 52.78 -20.30 -28.80
C HIS D 256 54.16 -20.21 -29.45
N HIS D 257 55.20 -20.06 -28.65
CA HIS D 257 56.55 -20.11 -29.19
C HIS D 257 57.48 -21.16 -28.59
N HIS D 258 57.21 -22.41 -28.94
CA HIS D 258 58.16 -23.52 -28.82
C HIS D 258 59.06 -23.51 -27.57
#